data_9IV6
#
_entry.id   9IV6
#
loop_
_entity.id
_entity.type
_entity.pdbx_description
1 polymer 'G-protein coupled receptor 4'
2 polymer 'Guanine nucleotide-binding protein G(s) subunit alpha isoforms short'
3 polymer 'Guanine nucleotide-binding protein G(I)/G(S)/G(T) subunit beta-1'
4 polymer 'Guanine nucleotide-binding protein G(I)/G(S)/G(O) subunit gamma-2'
5 polymer scFv16
#
loop_
_entity_poly.entity_id
_entity_poly.type
_entity_poly.pdbx_seq_one_letter_code
_entity_poly.pdbx_strand_id
1 'polypeptide(L)'
;MGNHTWEGCHVDSRVDHLFPPSLYIFVIGVGLPTNCLALWAAYRQVQQRNELGVYLMNLSIADLLYICTLPLWVDYFLHH
DNWIHGPGSCKLFGFIFYTNIYISIAFLCCISVDRYLAVAHPLRFARLRRVKTAVAVSSVVWATELGANSAPLFHDELFR
DRYNHTFCFEKFPMEGWVAWMNLYRVFVGFLFPWALMLLSYRGILRAVRGSVSTERQEKAKIKRLALSLIAIVLVCFAPY
HVLLLSRSAIYLGRPWDCGFEERVFSAYHSSLAFTSLNCVADPILYCLVNEGARSDVAKALHNLLRFLASDKPQEMANAS
LTLETPLTSKRNSTAKAMTGSWAATPPSQGDQVQLKMLPPAQ
;
R
2 'polypeptide(L)'
;MGCTLSAEDKAAVERSKMIEKQLQKDKQVYRATHRLLLLGADNSGKSTIVKQMRIYHVNGYSEEECKQYKAVVYSNTIQS
IIAIIRAMGRLKIDFGDSARADDARQLFVLAGAAEEGFMTAELAGVIKRLWKDSGVQACFNRSREYQLNDSAAYYLNDLD
RIAQPNYIPTQQDVLRTRVKTSGIFETKFQVDKVNFHMFDVGAQRDERRKWIQCFNDVTAIIFVVDSSDYNRLQEALNDF
KSIWNNRWLRTISVILFLNKQDLLAEKVLAGKSKIEDYFPEFARYTTPEDATPEPGEDPRVTRAKYFIRDEFLRISTASG
DGRHYCYPHFTCSVDTENARRIFNDCRDIIQRMHLRQYELL
;
A
3 'polypeptide(L)'
;MHHHHHHGSLLQSELDQLRQEAEQLKNQIRDARKACADATLSQITNNIDPVGRIQMRTRRTLRGHLAKIYAMHWGTDSRL
LVSASQDGKLIIWDSYTTNKVHAIPLRSSWVMTCAYAPSGNYVACGGLDNICSIYNLKTREGNVRVSRELAGHTGYLSCC
RFLDDNQIVTSSGDTTCALWDIETGQQTTTFTGHTGDVMSLSLAPDTRLFVSGACDASAKLWDVREGMCRQTFTGHESDI
NAICFFPNGNAFATGSDDATCRLFDLRADQELMTYSHDNIICGITSVSFSKSGRLLLAGYDDFNCNVWDALKADRAGVLA
GHDNRVSCLGVTDDGMAVATGSWDSFLKIWNGSSGGGGSGGGGSSGVSGWRLFKKIS
;
B
4 'polypeptide(L)' NTASIAQARKLVEQLKMEANIDRIKVSKAAADLMAYCEAHAKEDPLLTPVPASENPFRE G
5 'polypeptide(L)'
;MLLVNQSHQGFNKEHTSKMVSAIVLYVLLAAAAHSAFAVQLVESGGGLVQPGGSRKLSCSASGFAFSSFGMHWVRQAPEK
GLEWVAYISSGSGTIYYADTVKGRFTISRDDPKNTLFLQMTSLRSEDTAMYYCVRSIYYYGSSPFDFWGQGTTLTVSAGG
GGSGGGGSGGGGSADIVMTQATSSVPVTPGESVSISCRSSKSLLHSNGNTYLYWFLQRPGQSPQLLIYRMSNLASGVPDR
FSGSGSGTAFTLTISRLEAEDVGVYYCMQHLEYPLTFGAGTKLEL
;
S
#
# COMPACT_ATOMS: atom_id res chain seq x y z
N GLY A 8 -60.60 -27.83 -2.37
CA GLY A 8 -60.43 -26.43 -2.03
C GLY A 8 -61.73 -25.66 -2.02
N CYS A 9 -61.64 -24.37 -1.73
CA CYS A 9 -62.80 -23.48 -1.72
C CYS A 9 -62.69 -22.51 -2.88
N HIS A 10 -63.77 -22.36 -3.64
CA HIS A 10 -63.73 -21.62 -4.89
C HIS A 10 -63.59 -20.13 -4.59
N VAL A 11 -62.47 -19.56 -5.00
CA VAL A 11 -62.14 -18.16 -4.76
C VAL A 11 -61.77 -17.51 -6.08
N ASP A 12 -62.30 -16.31 -6.31
CA ASP A 12 -62.12 -15.62 -7.59
C ASP A 12 -61.74 -14.18 -7.35
N SER A 13 -60.94 -13.63 -8.26
CA SER A 13 -60.53 -12.24 -8.24
C SER A 13 -60.77 -11.63 -9.62
N ARG A 14 -61.62 -10.61 -9.68
CA ARG A 14 -61.90 -9.95 -10.95
C ARG A 14 -60.74 -9.09 -11.42
N VAL A 15 -59.96 -8.54 -10.50
CA VAL A 15 -58.84 -7.68 -10.90
C VAL A 15 -57.48 -8.36 -10.90
N ASP A 16 -57.46 -9.66 -10.67
CA ASP A 16 -56.24 -10.43 -10.62
C ASP A 16 -55.43 -10.45 -11.89
N HIS A 17 -56.10 -10.50 -13.03
CA HIS A 17 -55.38 -10.54 -14.31
C HIS A 17 -55.03 -9.19 -14.89
N LEU A 18 -55.25 -8.09 -14.16
CA LEU A 18 -54.88 -6.81 -14.73
C LEU A 18 -53.92 -5.99 -13.89
N PHE A 19 -53.73 -6.28 -12.62
CA PHE A 19 -52.83 -5.44 -11.83
C PHE A 19 -51.42 -5.98 -11.52
N PRO A 20 -51.22 -7.24 -11.12
CA PRO A 20 -49.86 -7.75 -10.96
C PRO A 20 -49.09 -7.76 -12.27
N PRO A 21 -49.72 -8.15 -13.40
CA PRO A 21 -48.96 -8.11 -14.67
C PRO A 21 -48.39 -6.74 -15.00
N SER A 22 -49.20 -5.69 -14.91
CA SER A 22 -48.72 -4.36 -15.25
C SER A 22 -47.65 -3.91 -14.28
N LEU A 23 -47.84 -4.17 -12.99
CA LEU A 23 -46.84 -3.76 -12.01
C LEU A 23 -45.52 -4.46 -12.29
N TYR A 24 -45.56 -5.75 -12.65
CA TYR A 24 -44.32 -6.46 -12.89
C TYR A 24 -43.66 -6.03 -14.19
N ILE A 25 -44.44 -5.74 -15.23
CA ILE A 25 -43.83 -5.29 -16.48
C ILE A 25 -43.19 -3.93 -16.29
N PHE A 26 -43.70 -3.12 -15.37
CA PHE A 26 -43.01 -1.87 -15.06
C PHE A 26 -41.76 -2.11 -14.21
N VAL A 27 -41.85 -3.02 -13.24
CA VAL A 27 -40.72 -3.25 -12.34
C VAL A 27 -39.52 -3.82 -13.09
N ILE A 28 -39.76 -4.72 -14.05
CA ILE A 28 -38.65 -5.28 -14.82
C ILE A 28 -37.88 -4.17 -15.51
N GLY A 29 -38.59 -3.40 -16.35
CA GLY A 29 -37.95 -2.40 -17.17
C GLY A 29 -37.26 -1.32 -16.37
N VAL A 30 -37.87 -0.86 -15.29
CA VAL A 30 -37.24 0.22 -14.53
C VAL A 30 -36.13 -0.32 -13.63
N GLY A 31 -36.34 -1.49 -13.02
CA GLY A 31 -35.42 -1.95 -11.99
C GLY A 31 -34.15 -2.56 -12.52
N LEU A 32 -34.22 -3.28 -13.64
CA LEU A 32 -33.03 -4.02 -14.08
C LEU A 32 -31.84 -3.11 -14.38
N PRO A 33 -31.96 -2.05 -15.19
CA PRO A 33 -30.82 -1.15 -15.36
C PRO A 33 -30.35 -0.51 -14.06
N THR A 34 -31.29 -0.12 -13.20
CA THR A 34 -30.92 0.55 -11.96
C THR A 34 -30.14 -0.37 -11.04
N ASN A 35 -30.54 -1.64 -10.96
CA ASN A 35 -29.80 -2.59 -10.13
C ASN A 35 -28.45 -2.91 -10.72
N CYS A 36 -28.33 -2.96 -12.05
CA CYS A 36 -27.00 -3.14 -12.64
C CYS A 36 -26.07 -1.99 -12.29
N LEU A 37 -26.57 -0.76 -12.39
CA LEU A 37 -25.76 0.41 -12.04
C LEU A 37 -25.40 0.40 -10.57
N ALA A 38 -26.35 0.01 -9.71
CA ALA A 38 -26.06 -0.07 -8.27
C ALA A 38 -24.98 -1.10 -7.98
N LEU A 39 -25.02 -2.23 -8.68
CA LEU A 39 -23.97 -3.24 -8.53
C LEU A 39 -22.61 -2.67 -8.93
N TRP A 40 -22.57 -1.92 -10.03
CA TRP A 40 -21.31 -1.30 -10.45
C TRP A 40 -20.79 -0.34 -9.40
N ALA A 41 -21.67 0.51 -8.86
CA ALA A 41 -21.23 1.48 -7.86
C ALA A 41 -20.75 0.79 -6.59
N ALA A 42 -21.44 -0.26 -6.16
CA ALA A 42 -21.01 -1.01 -4.99
C ALA A 42 -19.65 -1.65 -5.21
N TYR A 43 -19.41 -2.18 -6.40
CA TYR A 43 -18.09 -2.75 -6.69
C TYR A 43 -17.02 -1.68 -6.66
N ARG A 44 -17.33 -0.50 -7.17
CA ARG A 44 -16.37 0.61 -7.09
C ARG A 44 -16.04 0.95 -5.65
N GLN A 45 -17.06 0.94 -4.77
CA GLN A 45 -16.80 1.20 -3.36
C GLN A 45 -15.92 0.11 -2.76
N VAL A 46 -16.15 -1.13 -3.15
CA VAL A 46 -15.35 -2.23 -2.60
C VAL A 46 -13.90 -2.11 -3.04
N GLN A 47 -13.66 -1.64 -4.26
CA GLN A 47 -12.29 -1.49 -4.73
C GLN A 47 -11.51 -0.43 -3.97
N GLN A 48 -12.17 0.38 -3.15
CA GLN A 48 -11.52 1.43 -2.36
C GLN A 48 -11.45 1.06 -0.88
N ARG A 49 -11.57 -0.23 -0.55
CA ARG A 49 -11.45 -0.73 0.82
C ARG A 49 -12.50 -0.13 1.74
N ASN A 50 -13.76 -0.22 1.32
CA ASN A 50 -14.90 0.20 2.12
C ASN A 50 -15.75 -1.03 2.43
N GLU A 51 -16.24 -1.10 3.67
CA GLU A 51 -16.92 -2.28 4.19
C GLU A 51 -18.42 -2.24 3.95
N LEU A 52 -18.92 -1.27 3.21
CA LEU A 52 -20.35 -1.16 2.93
C LEU A 52 -20.70 -1.61 1.52
N GLY A 53 -19.72 -1.57 0.61
CA GLY A 53 -19.95 -2.05 -0.73
C GLY A 53 -20.28 -3.53 -0.80
N VAL A 54 -19.78 -4.31 0.16
CA VAL A 54 -20.11 -5.73 0.19
C VAL A 54 -21.61 -5.93 0.40
N TYR A 55 -22.18 -5.23 1.38
CA TYR A 55 -23.60 -5.31 1.62
C TYR A 55 -24.40 -4.77 0.45
N LEU A 56 -23.91 -3.68 -0.16
CA LEU A 56 -24.62 -3.14 -1.32
C LEU A 56 -24.63 -4.13 -2.49
N MET A 57 -23.50 -4.80 -2.75
CA MET A 57 -23.48 -5.80 -3.82
C MET A 57 -24.43 -6.94 -3.52
N ASN A 58 -24.44 -7.41 -2.26
CA ASN A 58 -25.31 -8.52 -1.93
C ASN A 58 -26.78 -8.15 -2.11
N LEU A 59 -27.15 -6.93 -1.71
CA LEU A 59 -28.51 -6.46 -1.94
C LEU A 59 -28.83 -6.41 -3.43
N SER A 60 -27.91 -5.90 -4.24
CA SER A 60 -28.17 -5.80 -5.68
C SER A 60 -28.35 -7.18 -6.30
N ILE A 61 -27.54 -8.16 -5.90
CA ILE A 61 -27.68 -9.51 -6.43
C ILE A 61 -29.02 -10.11 -6.01
N ALA A 62 -29.40 -9.94 -4.75
CA ALA A 62 -30.67 -10.48 -4.27
C ALA A 62 -31.84 -9.86 -5.00
N ASP A 63 -31.71 -8.60 -5.42
CA ASP A 63 -32.75 -7.99 -6.24
C ASP A 63 -32.74 -8.54 -7.66
N LEU A 64 -31.55 -8.73 -8.23
CA LEU A 64 -31.44 -9.13 -9.63
C LEU A 64 -32.01 -10.52 -9.87
N LEU A 65 -31.77 -11.46 -8.96
CA LEU A 65 -32.37 -12.78 -9.12
C LEU A 65 -33.89 -12.72 -9.09
N TYR A 66 -34.44 -11.89 -8.22
CA TYR A 66 -35.90 -11.72 -8.16
C TYR A 66 -36.44 -11.17 -9.47
N ILE A 67 -35.78 -10.15 -10.05
CA ILE A 67 -36.23 -9.60 -11.32
C ILE A 67 -36.13 -10.63 -12.43
N CYS A 68 -35.06 -11.44 -12.41
CA CYS A 68 -34.94 -12.51 -13.40
C CYS A 68 -36.08 -13.51 -13.27
N THR A 69 -36.52 -13.78 -12.04
CA THR A 69 -37.59 -14.72 -11.81
C THR A 69 -38.95 -14.22 -12.28
N LEU A 70 -39.22 -12.91 -12.15
CA LEU A 70 -40.58 -12.40 -12.37
C LEU A 70 -41.29 -12.68 -13.70
N PRO A 71 -40.58 -12.82 -14.83
CA PRO A 71 -41.32 -13.07 -16.09
C PRO A 71 -42.27 -14.25 -16.04
N LEU A 72 -41.86 -15.34 -15.42
CA LEU A 72 -42.72 -16.52 -15.33
C LEU A 72 -43.96 -16.23 -14.52
N TRP A 73 -43.83 -15.49 -13.42
CA TRP A 73 -44.99 -15.11 -12.63
C TRP A 73 -45.93 -14.22 -13.43
N VAL A 74 -45.37 -13.34 -14.27
CA VAL A 74 -46.21 -12.52 -15.14
C VAL A 74 -47.01 -13.40 -16.09
N ASP A 75 -46.37 -14.42 -16.65
CA ASP A 75 -47.10 -15.38 -17.48
C ASP A 75 -48.17 -16.09 -16.66
N TYR A 76 -47.84 -16.44 -15.43
CA TYR A 76 -48.75 -17.22 -14.58
C TYR A 76 -50.02 -16.43 -14.23
N PHE A 77 -49.89 -15.14 -13.93
CA PHE A 77 -51.06 -14.39 -13.49
C PHE A 77 -52.02 -14.09 -14.64
N LEU A 78 -51.54 -14.08 -15.87
CA LEU A 78 -52.40 -13.76 -17.01
C LEU A 78 -53.33 -14.88 -17.40
N HIS A 79 -53.16 -16.04 -16.84
CA HIS A 79 -54.06 -17.09 -17.21
C HIS A 79 -54.99 -17.41 -16.06
N HIS A 80 -55.41 -16.42 -15.30
CA HIS A 80 -56.30 -16.62 -14.15
C HIS A 80 -55.80 -17.61 -13.15
N ASP A 81 -54.72 -17.28 -12.45
CA ASP A 81 -54.14 -18.12 -11.43
C ASP A 81 -53.82 -19.47 -11.95
N ASN A 82 -52.90 -19.54 -12.89
CA ASN A 82 -52.59 -20.80 -13.53
C ASN A 82 -51.17 -20.92 -14.00
N TRP A 83 -50.57 -22.05 -13.76
CA TRP A 83 -49.18 -22.36 -14.09
C TRP A 83 -49.12 -23.65 -14.90
N ILE A 84 -48.60 -23.57 -16.12
CA ILE A 84 -48.54 -24.72 -17.01
C ILE A 84 -47.13 -25.01 -17.52
N HIS A 85 -46.12 -24.47 -16.83
CA HIS A 85 -44.76 -24.77 -17.22
C HIS A 85 -44.30 -26.14 -16.73
N GLY A 86 -44.80 -26.59 -15.58
CA GLY A 86 -44.58 -27.95 -15.14
C GLY A 86 -43.96 -28.07 -13.76
N PRO A 87 -44.09 -29.26 -13.17
CA PRO A 87 -43.47 -29.49 -11.85
C PRO A 87 -41.96 -29.40 -11.93
N GLY A 88 -41.35 -28.98 -10.84
CA GLY A 88 -39.92 -28.80 -10.78
C GLY A 88 -39.49 -27.38 -11.07
N SER A 89 -40.22 -26.69 -11.94
CA SER A 89 -40.02 -25.25 -12.09
C SER A 89 -40.59 -24.51 -10.89
N CYS A 90 -41.71 -25.00 -10.34
CA CYS A 90 -42.30 -24.38 -9.16
C CYS A 90 -41.31 -24.25 -8.01
N LYS A 91 -40.62 -25.34 -7.65
CA LYS A 91 -39.80 -25.23 -6.44
C LYS A 91 -38.70 -24.19 -6.60
N LEU A 92 -37.97 -24.22 -7.71
CA LEU A 92 -36.89 -23.24 -7.86
C LEU A 92 -37.44 -21.83 -7.96
N PHE A 93 -38.44 -21.62 -8.83
CA PHE A 93 -38.88 -20.27 -9.14
C PHE A 93 -39.82 -19.70 -8.09
N GLY A 94 -40.26 -20.52 -7.13
CA GLY A 94 -41.01 -20.02 -6.02
C GLY A 94 -40.15 -19.85 -4.79
N PHE A 95 -39.16 -20.72 -4.60
CA PHE A 95 -38.22 -20.54 -3.52
C PHE A 95 -37.32 -19.34 -3.75
N ILE A 96 -37.17 -18.91 -5.00
CA ILE A 96 -36.39 -17.72 -5.29
C ILE A 96 -37.30 -16.47 -5.38
N PHE A 97 -38.53 -16.57 -4.87
CA PHE A 97 -39.50 -15.48 -4.95
C PHE A 97 -39.84 -14.85 -3.60
N TYR A 98 -39.54 -15.52 -2.48
CA TYR A 98 -39.83 -15.03 -1.14
C TYR A 98 -38.58 -14.87 -0.27
N THR A 99 -37.69 -15.85 -0.36
CA THR A 99 -36.42 -15.74 0.32
C THR A 99 -35.67 -14.49 -0.11
N ASN A 100 -35.97 -13.96 -1.29
CA ASN A 100 -35.27 -12.77 -1.77
C ASN A 100 -35.63 -11.55 -0.92
N ILE A 101 -36.92 -11.33 -0.66
CA ILE A 101 -37.28 -10.18 0.16
C ILE A 101 -36.77 -10.40 1.58
N TYR A 102 -36.75 -11.64 2.06
CA TYR A 102 -36.20 -11.83 3.40
C TYR A 102 -34.67 -11.69 3.45
N ILE A 103 -33.97 -11.86 2.33
CA ILE A 103 -32.55 -11.50 2.27
C ILE A 103 -32.39 -9.99 2.32
N SER A 104 -33.22 -9.28 1.56
CA SER A 104 -33.11 -7.83 1.49
C SER A 104 -33.32 -7.20 2.87
N ILE A 105 -34.33 -7.67 3.60
CA ILE A 105 -34.60 -7.09 4.91
C ILE A 105 -33.46 -7.34 5.89
N ALA A 106 -32.66 -8.39 5.68
CA ALA A 106 -31.54 -8.65 6.58
C ALA A 106 -30.33 -7.80 6.22
N PHE A 107 -30.07 -7.62 4.92
CA PHE A 107 -28.93 -6.78 4.55
C PHE A 107 -29.18 -5.32 4.88
N LEU A 108 -30.44 -4.87 4.87
CA LEU A 108 -30.75 -3.53 5.33
C LEU A 108 -30.35 -3.34 6.78
N CYS A 109 -30.65 -4.34 7.63
CA CYS A 109 -30.27 -4.28 9.03
C CYS A 109 -28.76 -4.30 9.20
N CYS A 110 -28.05 -5.08 8.38
CA CYS A 110 -26.60 -5.08 8.44
C CYS A 110 -26.04 -3.69 8.15
N ILE A 111 -26.57 -3.02 7.12
CA ILE A 111 -26.13 -1.68 6.79
C ILE A 111 -26.39 -0.72 7.96
N SER A 112 -27.58 -0.83 8.55
CA SER A 112 -27.92 0.06 9.65
C SER A 112 -26.98 -0.11 10.85
N VAL A 113 -26.67 -1.37 11.20
CA VAL A 113 -25.79 -1.61 12.34
C VAL A 113 -24.38 -1.12 12.05
N ASP A 114 -23.89 -1.33 10.83
CA ASP A 114 -22.56 -0.83 10.48
C ASP A 114 -22.50 0.69 10.58
N ARG A 115 -23.54 1.38 10.09
CA ARG A 115 -23.57 2.83 10.19
C ARG A 115 -23.59 3.30 11.64
N TYR A 116 -24.37 2.62 12.48
CA TYR A 116 -24.41 2.99 13.90
C TYR A 116 -23.05 2.84 14.55
N LEU A 117 -22.36 1.73 14.29
CA LEU A 117 -21.05 1.54 14.87
C LEU A 117 -20.04 2.55 14.35
N ALA A 118 -20.18 2.97 13.10
CA ALA A 118 -19.23 3.93 12.53
C ALA A 118 -19.47 5.35 13.03
N VAL A 119 -20.70 5.75 13.28
CA VAL A 119 -21.02 7.12 13.64
C VAL A 119 -21.11 7.31 15.16
N ALA A 120 -21.90 6.47 15.83
CA ALA A 120 -22.15 6.68 17.25
C ALA A 120 -20.99 6.26 18.13
N HIS A 121 -20.21 5.27 17.71
CA HIS A 121 -19.05 4.80 18.46
C HIS A 121 -17.82 4.82 17.56
N PRO A 122 -17.33 6.00 17.20
CA PRO A 122 -16.04 6.07 16.52
C PRO A 122 -14.93 5.81 17.53
N LEU A 123 -13.73 5.61 17.00
CA LEU A 123 -12.53 5.39 17.80
C LEU A 123 -12.55 4.05 18.52
N ARG A 124 -13.54 3.19 18.25
CA ARG A 124 -13.61 1.86 18.82
C ARG A 124 -14.12 0.89 17.77
N PHE A 125 -14.01 -0.41 18.09
CA PHE A 125 -14.53 -1.49 17.25
C PHE A 125 -13.97 -1.44 15.83
N ALA A 126 -12.65 -1.26 15.74
CA ALA A 126 -11.99 -1.22 14.44
C ALA A 126 -11.88 -2.59 13.79
N ARG A 127 -11.91 -3.66 14.59
CA ARG A 127 -11.81 -5.02 14.05
C ARG A 127 -13.10 -5.47 13.40
N LEU A 128 -14.21 -4.79 13.66
CA LEU A 128 -15.52 -5.15 13.12
C LEU A 128 -15.88 -4.36 11.88
N ARG A 129 -14.95 -3.61 11.32
CA ARG A 129 -15.20 -2.79 10.15
C ARG A 129 -14.16 -3.06 9.07
N ARG A 130 -13.89 -4.33 8.82
CA ARG A 130 -13.00 -4.77 7.75
C ARG A 130 -13.78 -5.51 6.68
N VAL A 131 -13.12 -5.75 5.55
CA VAL A 131 -13.76 -6.47 4.45
C VAL A 131 -13.93 -7.95 4.78
N LYS A 132 -12.97 -8.53 5.49
CA LYS A 132 -13.06 -9.96 5.82
C LYS A 132 -14.24 -10.24 6.73
N THR A 133 -14.43 -9.42 7.76
CA THR A 133 -15.57 -9.61 8.66
C THR A 133 -16.89 -9.46 7.90
N ALA A 134 -16.94 -8.50 6.98
CA ALA A 134 -18.15 -8.28 6.19
C ALA A 134 -18.44 -9.48 5.30
N VAL A 135 -17.40 -10.05 4.68
CA VAL A 135 -17.61 -11.24 3.84
C VAL A 135 -18.11 -12.40 4.67
N ALA A 136 -17.53 -12.59 5.86
CA ALA A 136 -18.00 -13.66 6.74
C ALA A 136 -19.46 -13.47 7.12
N VAL A 137 -19.84 -12.25 7.48
CA VAL A 137 -21.23 -11.97 7.85
C VAL A 137 -22.17 -12.21 6.68
N SER A 138 -21.75 -11.81 5.48
CA SER A 138 -22.57 -12.03 4.30
C SER A 138 -22.79 -13.51 4.05
N SER A 139 -21.73 -14.30 4.15
CA SER A 139 -21.87 -15.75 3.96
C SER A 139 -22.81 -16.34 5.00
N VAL A 140 -22.68 -15.91 6.26
CA VAL A 140 -23.52 -16.46 7.32
C VAL A 140 -24.98 -16.10 7.10
N VAL A 141 -25.27 -14.87 6.70
CA VAL A 141 -26.66 -14.48 6.51
C VAL A 141 -27.27 -15.22 5.32
N TRP A 142 -26.51 -15.36 4.22
CA TRP A 142 -27.00 -16.14 3.09
C TRP A 142 -27.34 -17.56 3.52
N ALA A 143 -26.40 -18.22 4.19
CA ALA A 143 -26.62 -19.62 4.58
C ALA A 143 -27.79 -19.76 5.54
N THR A 144 -27.86 -18.89 6.55
CA THR A 144 -28.93 -19.01 7.55
C THR A 144 -30.30 -18.74 6.95
N GLU A 145 -30.42 -17.72 6.09
CA GLU A 145 -31.73 -17.43 5.52
C GLU A 145 -32.15 -18.46 4.49
N LEU A 146 -31.21 -19.02 3.74
CA LEU A 146 -31.59 -20.11 2.84
C LEU A 146 -31.96 -21.36 3.61
N GLY A 147 -31.35 -21.59 4.76
CA GLY A 147 -31.73 -22.75 5.57
C GLY A 147 -33.08 -22.59 6.25
N ALA A 148 -33.38 -21.38 6.73
CA ALA A 148 -34.60 -21.18 7.49
C ALA A 148 -35.85 -21.37 6.63
N ASN A 149 -35.84 -20.84 5.41
CA ASN A 149 -36.98 -20.94 4.50
C ASN A 149 -36.90 -22.15 3.59
N SER A 150 -36.22 -23.20 4.00
CA SER A 150 -36.08 -24.41 3.19
C SER A 150 -37.16 -25.43 3.44
N ALA A 151 -38.12 -25.15 4.32
CA ALA A 151 -39.21 -26.09 4.57
C ALA A 151 -40.06 -26.38 3.33
N PRO A 152 -40.47 -25.40 2.53
CA PRO A 152 -41.37 -25.70 1.41
C PRO A 152 -40.77 -26.64 0.38
N LEU A 153 -39.45 -26.74 0.30
CA LEU A 153 -38.83 -27.59 -0.71
C LEU A 153 -39.18 -29.06 -0.50
N PHE A 154 -39.40 -29.47 0.74
CA PHE A 154 -39.59 -30.89 1.01
C PHE A 154 -40.99 -31.36 0.64
N HIS A 155 -42.00 -30.49 0.70
CA HIS A 155 -43.37 -30.90 0.45
C HIS A 155 -43.76 -30.64 -1.00
N ASP A 156 -44.96 -31.09 -1.37
CA ASP A 156 -45.49 -30.88 -2.71
C ASP A 156 -45.89 -29.43 -2.90
N GLU A 157 -45.66 -28.90 -4.11
CA GLU A 157 -45.94 -27.51 -4.41
C GLU A 157 -46.81 -27.30 -5.65
N LEU A 158 -47.49 -28.33 -6.14
CA LEU A 158 -48.41 -28.21 -7.26
C LEU A 158 -49.77 -28.74 -6.85
N PHE A 159 -50.79 -27.89 -6.94
CA PHE A 159 -52.15 -28.25 -6.56
C PHE A 159 -53.09 -27.99 -7.74
N ARG A 160 -53.91 -28.99 -8.08
CA ARG A 160 -54.93 -28.86 -9.09
C ARG A 160 -56.27 -28.62 -8.41
N ASP A 161 -56.86 -27.46 -8.65
CA ASP A 161 -58.13 -27.09 -8.05
C ASP A 161 -59.27 -27.67 -8.87
N ARG A 162 -60.49 -27.58 -8.35
CA ARG A 162 -61.68 -28.03 -9.05
C ARG A 162 -62.34 -26.92 -9.85
N TYR A 163 -61.78 -25.71 -9.86
CA TYR A 163 -62.39 -24.56 -10.52
C TYR A 163 -61.37 -23.91 -11.46
N ASN A 164 -60.70 -24.73 -12.27
CA ASN A 164 -59.82 -24.28 -13.34
C ASN A 164 -58.70 -23.40 -12.81
N HIS A 165 -57.88 -24.00 -11.94
CA HIS A 165 -56.66 -23.38 -11.46
C HIS A 165 -55.60 -24.47 -11.32
N THR A 166 -54.34 -24.04 -11.36
CA THR A 166 -53.22 -24.89 -10.95
C THR A 166 -52.27 -24.00 -10.16
N PHE A 167 -52.47 -23.95 -8.85
CA PHE A 167 -51.69 -23.07 -8.00
C PHE A 167 -50.26 -23.55 -7.87
N CYS A 168 -49.34 -22.61 -7.70
CA CYS A 168 -47.93 -22.91 -7.50
C CYS A 168 -47.47 -22.26 -6.20
N PHE A 169 -47.08 -23.09 -5.23
CA PHE A 169 -46.59 -22.72 -3.88
C PHE A 169 -47.66 -22.20 -2.93
N GLU A 170 -48.94 -22.40 -3.22
CA GLU A 170 -49.96 -21.99 -2.28
C GLU A 170 -51.18 -22.88 -2.47
N LYS A 171 -51.95 -23.04 -1.40
CA LYS A 171 -53.15 -23.84 -1.44
C LYS A 171 -54.21 -23.17 -0.59
N PHE A 172 -55.45 -23.24 -1.05
CA PHE A 172 -56.56 -22.58 -0.36
C PHE A 172 -57.63 -23.60 -0.04
N PRO A 173 -57.82 -23.98 1.23
CA PRO A 173 -57.18 -23.48 2.44
C PRO A 173 -55.75 -23.99 2.66
N MET A 174 -55.11 -23.48 3.70
CA MET A 174 -53.72 -23.81 4.00
C MET A 174 -53.60 -25.27 4.40
N GLU A 175 -52.34 -25.73 4.51
CA GLU A 175 -52.10 -27.14 4.81
C GLU A 175 -52.10 -27.41 6.30
N GLY A 176 -51.32 -26.66 7.07
CA GLY A 176 -51.25 -26.86 8.50
C GLY A 176 -49.85 -26.72 9.05
N TRP A 177 -48.85 -27.09 8.26
CA TRP A 177 -47.48 -26.75 8.60
C TRP A 177 -47.10 -25.36 8.12
N VAL A 178 -47.98 -24.72 7.35
CA VAL A 178 -47.67 -23.42 6.78
C VAL A 178 -47.95 -22.31 7.77
N ALA A 179 -48.86 -22.53 8.72
CA ALA A 179 -49.21 -21.48 9.67
C ALA A 179 -48.01 -21.08 10.52
N TRP A 180 -47.28 -22.07 11.06
CA TRP A 180 -46.17 -21.74 11.94
C TRP A 180 -45.01 -21.13 11.17
N MET A 181 -44.79 -21.58 9.94
CA MET A 181 -43.84 -20.90 9.08
C MET A 181 -44.25 -19.45 8.84
N ASN A 182 -45.55 -19.20 8.74
CA ASN A 182 -46.03 -17.83 8.53
C ASN A 182 -45.79 -16.96 9.76
N LEU A 183 -46.05 -17.49 10.97
CA LEU A 183 -45.73 -16.73 12.18
C LEU A 183 -44.24 -16.45 12.29
N TYR A 184 -43.40 -17.43 11.97
CA TYR A 184 -41.96 -17.17 11.93
C TYR A 184 -41.64 -16.06 10.93
N ARG A 185 -42.24 -16.14 9.74
CA ARG A 185 -41.97 -15.17 8.68
C ARG A 185 -42.35 -13.77 9.11
N VAL A 186 -43.45 -13.64 9.85
CA VAL A 186 -43.94 -12.32 10.24
C VAL A 186 -43.30 -11.78 11.51
N PHE A 187 -42.73 -12.64 12.38
CA PHE A 187 -42.19 -12.15 13.64
C PHE A 187 -40.67 -12.14 13.72
N VAL A 188 -39.97 -13.02 13.02
CA VAL A 188 -38.51 -13.06 13.06
C VAL A 188 -37.89 -12.70 11.73
N GLY A 189 -38.69 -12.55 10.68
CA GLY A 189 -38.18 -12.14 9.40
C GLY A 189 -38.50 -10.71 9.05
N PHE A 190 -39.53 -10.14 9.70
CA PHE A 190 -39.91 -8.75 9.44
C PHE A 190 -39.74 -7.86 10.66
N LEU A 191 -40.39 -8.16 11.79
CA LEU A 191 -40.37 -7.23 12.92
C LEU A 191 -38.97 -7.06 13.51
N PHE A 192 -38.21 -8.15 13.63
CA PHE A 192 -36.91 -8.07 14.30
C PHE A 192 -35.93 -7.16 13.55
N PRO A 193 -35.64 -7.37 12.26
CA PRO A 193 -34.76 -6.44 11.57
C PRO A 193 -35.28 -5.02 11.51
N TRP A 194 -36.60 -4.84 11.40
CA TRP A 194 -37.15 -3.49 11.39
C TRP A 194 -36.91 -2.77 12.71
N ALA A 195 -37.12 -3.46 13.83
CA ALA A 195 -36.86 -2.84 15.13
C ALA A 195 -35.38 -2.51 15.30
N LEU A 196 -34.50 -3.41 14.86
CA LEU A 196 -33.08 -3.11 14.93
C LEU A 196 -32.72 -1.89 14.08
N MET A 197 -33.31 -1.79 12.89
CA MET A 197 -33.07 -0.63 12.03
C MET A 197 -33.51 0.66 12.70
N LEU A 198 -34.71 0.64 13.29
CA LEU A 198 -35.23 1.84 13.95
C LEU A 198 -34.34 2.26 15.12
N LEU A 199 -33.92 1.30 15.95
CA LEU A 199 -33.07 1.64 17.08
C LEU A 199 -31.72 2.19 16.60
N SER A 200 -31.15 1.57 15.57
CA SER A 200 -29.87 2.03 15.05
C SER A 200 -29.95 3.46 14.54
N TYR A 201 -31.01 3.79 13.78
CA TYR A 201 -31.10 5.13 13.23
C TYR A 201 -31.43 6.16 14.31
N ARG A 202 -32.19 5.77 15.33
CA ARG A 202 -32.42 6.65 16.48
C ARG A 202 -31.11 6.99 17.17
N GLY A 203 -30.26 5.98 17.40
CA GLY A 203 -28.95 6.25 17.98
C GLY A 203 -28.08 7.12 17.11
N ILE A 204 -28.13 6.90 15.79
CA ILE A 204 -27.37 7.75 14.87
C ILE A 204 -27.83 9.20 14.99
N LEU A 205 -29.14 9.43 15.07
CA LEU A 205 -29.63 10.80 15.16
C LEU A 205 -29.21 11.47 16.46
N ARG A 206 -29.23 10.74 17.58
CA ARG A 206 -28.70 11.32 18.81
C ARG A 206 -27.23 11.67 18.70
N ALA A 207 -26.43 10.76 18.16
CA ALA A 207 -25.01 11.02 18.01
C ALA A 207 -24.75 12.24 17.12
N VAL A 208 -25.52 12.38 16.05
CA VAL A 208 -25.37 13.51 15.14
C VAL A 208 -25.78 14.81 15.83
N ARG A 209 -26.84 14.77 16.65
CA ARG A 209 -27.21 15.96 17.39
C ARG A 209 -26.11 16.37 18.38
N GLY A 210 -25.28 15.41 18.81
CA GLY A 210 -24.14 15.76 19.63
C GLY A 210 -23.11 16.62 18.91
N SER A 211 -23.06 16.56 17.58
CA SER A 211 -21.96 17.12 16.82
C SER A 211 -21.89 18.63 16.94
N VAL A 212 -20.71 19.17 16.65
CA VAL A 212 -20.46 20.61 16.70
C VAL A 212 -20.08 21.18 15.34
N SER A 213 -19.58 20.37 14.41
CA SER A 213 -19.12 20.85 13.12
C SER A 213 -20.16 20.70 12.02
N THR A 214 -21.37 20.26 12.35
CA THR A 214 -22.44 20.09 11.38
C THR A 214 -23.49 21.16 11.61
N GLU A 215 -23.88 21.85 10.54
CA GLU A 215 -24.81 22.96 10.67
C GLU A 215 -26.25 22.46 10.73
N ARG A 216 -27.18 23.39 10.94
CA ARG A 216 -28.57 23.02 11.20
C ARG A 216 -29.20 22.33 9.99
N GLN A 217 -28.89 22.79 8.79
CA GLN A 217 -29.53 22.24 7.60
C GLN A 217 -29.13 20.78 7.36
N GLU A 218 -27.85 20.46 7.52
CA GLU A 218 -27.40 19.09 7.27
C GLU A 218 -28.03 18.12 8.24
N LYS A 219 -28.25 18.53 9.49
CA LYS A 219 -28.91 17.66 10.46
C LYS A 219 -30.33 17.34 10.02
N ALA A 220 -31.06 18.34 9.52
CA ALA A 220 -32.40 18.10 9.00
C ALA A 220 -32.38 17.17 7.80
N LYS A 221 -31.38 17.34 6.93
CA LYS A 221 -31.27 16.47 5.77
C LYS A 221 -31.05 15.01 6.19
N ILE A 222 -30.19 14.79 7.19
CA ILE A 222 -29.96 13.44 7.67
C ILE A 222 -31.22 12.89 8.33
N LYS A 223 -31.95 13.73 9.07
CA LYS A 223 -33.20 13.27 9.66
C LYS A 223 -34.18 12.79 8.59
N ARG A 224 -34.29 13.51 7.49
CA ARG A 224 -35.21 13.16 6.42
C ARG A 224 -34.83 12.00 5.64
N LEU A 225 -33.58 11.77 5.47
CA LEU A 225 -33.13 10.57 4.78
C LEU A 225 -33.15 9.34 5.69
N ALA A 226 -33.01 9.52 7.00
CA ALA A 226 -33.12 8.40 7.92
C ALA A 226 -34.56 7.94 8.09
N LEU A 227 -35.50 8.89 8.11
CA LEU A 227 -36.90 8.53 8.27
C LEU A 227 -37.48 7.92 7.00
N SER A 228 -37.02 8.37 5.83
CA SER A 228 -37.56 7.86 4.57
C SER A 228 -37.32 6.36 4.44
N LEU A 229 -36.17 5.87 4.86
CA LEU A 229 -35.84 4.46 4.75
C LEU A 229 -36.82 3.60 5.55
N ILE A 230 -36.99 3.93 6.83
CA ILE A 230 -37.93 3.20 7.68
C ILE A 230 -39.32 3.24 7.08
N ALA A 231 -39.76 4.42 6.65
CA ALA A 231 -41.11 4.55 6.14
C ALA A 231 -41.33 3.70 4.89
N ILE A 232 -40.36 3.69 3.98
CA ILE A 232 -40.55 2.95 2.74
C ILE A 232 -40.56 1.44 3.01
N VAL A 233 -39.69 0.97 3.90
CA VAL A 233 -39.72 -0.46 4.21
C VAL A 233 -41.05 -0.85 4.82
N LEU A 234 -41.55 -0.05 5.76
CA LEU A 234 -42.82 -0.39 6.40
C LEU A 234 -43.97 -0.35 5.39
N VAL A 235 -44.01 0.69 4.55
CA VAL A 235 -45.14 0.83 3.63
C VAL A 235 -45.11 -0.27 2.57
N CYS A 236 -43.93 -0.79 2.23
CA CYS A 236 -43.90 -1.86 1.25
C CYS A 236 -44.25 -3.21 1.86
N PHE A 237 -43.75 -3.50 3.06
CA PHE A 237 -43.88 -4.85 3.59
C PHE A 237 -45.01 -5.02 4.60
N ALA A 238 -45.77 -3.97 4.92
CA ALA A 238 -46.75 -4.11 5.99
C ALA A 238 -48.04 -4.83 5.60
N PRO A 239 -48.78 -4.37 4.58
CA PRO A 239 -50.11 -4.97 4.34
C PRO A 239 -50.07 -6.45 4.04
N TYR A 240 -49.07 -6.90 3.28
CA TYR A 240 -48.90 -8.33 3.02
C TYR A 240 -48.80 -9.11 4.32
N HIS A 241 -47.88 -8.70 5.20
CA HIS A 241 -47.67 -9.44 6.43
C HIS A 241 -48.88 -9.37 7.34
N VAL A 242 -49.60 -8.25 7.32
CA VAL A 242 -50.81 -8.15 8.13
C VAL A 242 -51.85 -9.16 7.66
N LEU A 243 -52.08 -9.24 6.35
CA LEU A 243 -53.03 -10.22 5.85
C LEU A 243 -52.56 -11.65 6.10
N LEU A 244 -51.25 -11.88 5.99
CA LEU A 244 -50.70 -13.21 6.21
C LEU A 244 -50.91 -13.66 7.65
N LEU A 245 -50.63 -12.76 8.61
CA LEU A 245 -50.89 -13.07 10.02
C LEU A 245 -52.37 -13.24 10.29
N SER A 246 -53.22 -12.43 9.64
CA SER A 246 -54.66 -12.58 9.84
C SER A 246 -55.14 -13.94 9.37
N ARG A 247 -54.65 -14.39 8.21
CA ARG A 247 -55.05 -15.70 7.72
C ARG A 247 -54.51 -16.82 8.60
N SER A 248 -53.25 -16.73 9.02
CA SER A 248 -52.67 -17.77 9.85
C SER A 248 -53.39 -17.90 11.18
N ALA A 249 -53.75 -16.77 11.79
CA ALA A 249 -54.42 -16.82 13.09
C ALA A 249 -55.80 -17.46 12.97
N ILE A 250 -56.55 -17.11 11.94
CA ILE A 250 -57.91 -17.64 11.81
C ILE A 250 -57.89 -19.13 11.51
N TYR A 251 -56.93 -19.58 10.71
CA TYR A 251 -56.85 -21.01 10.39
C TYR A 251 -56.63 -21.85 11.63
N LEU A 252 -55.73 -21.43 12.51
CA LEU A 252 -55.49 -22.17 13.74
C LEU A 252 -56.71 -22.13 14.66
N GLY A 253 -57.49 -21.06 14.57
CA GLY A 253 -58.70 -20.99 15.37
C GLY A 253 -59.76 -21.99 14.93
N ARG A 254 -60.02 -22.07 13.63
CA ARG A 254 -61.05 -22.94 13.09
C ARG A 254 -60.64 -23.38 11.70
N PRO A 255 -60.01 -24.55 11.56
CA PRO A 255 -59.68 -25.06 10.22
C PRO A 255 -60.91 -25.29 9.36
N TRP A 256 -62.05 -25.60 9.97
CA TRP A 256 -63.27 -25.85 9.21
C TRP A 256 -63.75 -24.59 8.50
N ASP A 257 -63.84 -23.48 9.23
CA ASP A 257 -64.35 -22.24 8.67
C ASP A 257 -63.48 -21.77 7.52
N CYS A 258 -64.12 -21.42 6.40
CA CYS A 258 -63.40 -21.01 5.20
C CYS A 258 -63.94 -19.72 4.60
N GLY A 259 -64.82 -19.02 5.32
CA GLY A 259 -65.44 -17.82 4.75
C GLY A 259 -64.46 -16.70 4.52
N PHE A 260 -63.48 -16.53 5.40
CA PHE A 260 -62.62 -15.36 5.35
C PHE A 260 -61.69 -15.39 4.14
N GLU A 261 -61.39 -16.59 3.62
CA GLU A 261 -60.47 -16.70 2.49
C GLU A 261 -61.02 -15.99 1.26
N GLU A 262 -62.31 -16.17 0.99
CA GLU A 262 -62.92 -15.60 -0.21
C GLU A 262 -62.84 -14.08 -0.21
N ARG A 263 -63.14 -13.46 0.94
CA ARG A 263 -63.15 -12.01 1.01
C ARG A 263 -61.77 -11.40 0.83
N VAL A 264 -60.73 -12.09 1.27
CA VAL A 264 -59.39 -11.51 1.31
C VAL A 264 -58.51 -12.05 0.18
N PHE A 265 -59.07 -12.84 -0.75
CA PHE A 265 -58.27 -13.38 -1.86
C PHE A 265 -57.63 -12.26 -2.68
N SER A 266 -58.46 -11.33 -3.18
CA SER A 266 -57.96 -10.28 -4.06
C SER A 266 -56.99 -9.37 -3.36
N ALA A 267 -57.30 -8.99 -2.11
CA ALA A 267 -56.40 -8.14 -1.35
C ALA A 267 -55.07 -8.83 -1.12
N TYR A 268 -55.08 -10.13 -0.85
CA TYR A 268 -53.85 -10.88 -0.65
C TYR A 268 -52.98 -10.85 -1.89
N HIS A 269 -53.57 -11.09 -3.06
CA HIS A 269 -52.77 -11.11 -4.27
C HIS A 269 -52.23 -9.72 -4.62
N SER A 270 -53.05 -8.69 -4.47
CA SER A 270 -52.55 -7.33 -4.72
C SER A 270 -51.45 -6.95 -3.74
N SER A 271 -51.58 -7.38 -2.48
CA SER A 271 -50.55 -7.11 -1.49
C SER A 271 -49.24 -7.78 -1.86
N LEU A 272 -49.30 -9.01 -2.37
CA LEU A 272 -48.09 -9.64 -2.89
C LEU A 272 -47.50 -8.83 -4.03
N ALA A 273 -48.33 -8.39 -4.96
CA ALA A 273 -47.87 -7.57 -6.08
C ALA A 273 -47.11 -6.34 -5.60
N PHE A 274 -47.60 -5.72 -4.52
CA PHE A 274 -47.06 -4.43 -4.08
C PHE A 274 -45.59 -4.50 -3.68
N THR A 275 -45.10 -5.67 -3.29
CA THR A 275 -43.78 -5.78 -2.66
C THR A 275 -42.64 -5.40 -3.62
N SER A 276 -42.80 -5.62 -4.93
CA SER A 276 -41.72 -5.38 -5.89
C SER A 276 -41.26 -3.93 -5.93
N LEU A 277 -42.11 -3.00 -5.51
CA LEU A 277 -41.70 -1.61 -5.49
C LEU A 277 -40.49 -1.42 -4.59
N ASN A 278 -40.32 -2.31 -3.62
CA ASN A 278 -39.13 -2.27 -2.77
C ASN A 278 -37.87 -2.55 -3.57
N CYS A 279 -37.90 -3.56 -4.46
CA CYS A 279 -36.70 -3.85 -5.24
C CYS A 279 -36.44 -2.73 -6.25
N VAL A 280 -37.48 -2.04 -6.70
CA VAL A 280 -37.24 -0.78 -7.40
C VAL A 280 -36.63 0.26 -6.48
N ALA A 281 -37.14 0.38 -5.25
CA ALA A 281 -36.81 1.54 -4.41
C ALA A 281 -35.36 1.55 -3.97
N ASP A 282 -34.80 0.39 -3.60
CA ASP A 282 -33.48 0.37 -2.99
C ASP A 282 -32.37 0.90 -3.90
N PRO A 283 -32.31 0.52 -5.19
CA PRO A 283 -31.39 1.19 -6.12
C PRO A 283 -31.41 2.71 -6.05
N ILE A 284 -32.56 3.29 -5.71
CA ILE A 284 -32.69 4.74 -5.65
C ILE A 284 -32.24 5.29 -4.31
N LEU A 285 -32.69 4.68 -3.21
CA LEU A 285 -32.42 5.24 -1.90
C LEU A 285 -30.98 4.99 -1.44
N TYR A 286 -30.32 3.96 -1.94
CA TYR A 286 -28.98 3.67 -1.46
C TYR A 286 -27.88 3.97 -2.47
N CYS A 287 -28.20 4.24 -3.73
CA CYS A 287 -27.18 4.59 -4.71
C CYS A 287 -27.37 5.96 -5.34
N LEU A 288 -28.56 6.24 -5.89
CA LEU A 288 -28.75 7.36 -6.80
C LEU A 288 -29.08 8.67 -6.12
N VAL A 289 -29.15 8.72 -4.78
CA VAL A 289 -29.41 9.99 -4.09
C VAL A 289 -28.08 10.58 -3.63
N ASN A 290 -27.07 9.75 -3.46
CA ASN A 290 -25.75 10.21 -3.07
C ASN A 290 -25.01 10.75 -4.30
N GLU A 291 -24.21 11.81 -4.09
CA GLU A 291 -23.55 12.46 -5.21
C GLU A 291 -22.40 11.62 -5.77
N GLY A 292 -21.62 10.99 -4.90
CA GLY A 292 -20.46 10.23 -5.37
C GLY A 292 -20.84 9.05 -6.24
N ALA A 293 -21.82 8.26 -5.78
CA ALA A 293 -22.28 7.13 -6.58
C ALA A 293 -22.87 7.60 -7.90
N ARG A 294 -23.59 8.71 -7.87
CA ARG A 294 -24.16 9.28 -9.08
C ARG A 294 -23.07 9.65 -10.07
N SER A 295 -21.99 10.28 -9.59
CA SER A 295 -20.88 10.65 -10.46
C SER A 295 -20.20 9.43 -11.05
N ASP A 296 -19.98 8.39 -10.24
CA ASP A 296 -19.39 7.16 -10.75
C ASP A 296 -20.26 6.53 -11.83
N VAL A 297 -21.58 6.52 -11.61
CA VAL A 297 -22.51 5.99 -12.59
C VAL A 297 -22.42 6.79 -13.90
N ALA A 298 -22.38 8.12 -13.78
CA ALA A 298 -22.31 8.95 -14.99
C ALA A 298 -21.03 8.68 -15.77
N LYS A 299 -19.90 8.54 -15.07
CA LYS A 299 -18.66 8.21 -15.76
C LYS A 299 -18.75 6.85 -16.46
N ALA A 300 -19.34 5.86 -15.78
CA ALA A 300 -19.46 4.54 -16.39
C ALA A 300 -20.30 4.58 -17.66
N LEU A 301 -21.44 5.27 -17.63
CA LEU A 301 -22.23 5.38 -18.86
C LEU A 301 -21.52 6.19 -19.92
N HIS A 302 -20.72 7.18 -19.53
CA HIS A 302 -19.97 7.94 -20.51
C HIS A 302 -18.95 7.04 -21.24
N ASN A 303 -18.35 6.10 -20.51
CA ASN A 303 -17.38 5.21 -21.14
C ASN A 303 -18.03 4.35 -22.24
N LEU A 304 -19.26 3.88 -22.00
CA LEU A 304 -19.97 3.12 -23.03
C LEU A 304 -20.51 4.02 -24.12
N THR B 4 4.62 -27.15 -13.09
CA THR B 4 4.26 -25.76 -13.29
C THR B 4 5.42 -24.85 -12.90
N LEU B 5 5.86 -24.95 -11.64
CA LEU B 5 7.01 -24.20 -11.17
C LEU B 5 7.77 -25.01 -10.14
N SER B 6 9.08 -24.81 -10.09
CA SER B 6 10.00 -25.71 -9.42
C SER B 6 9.95 -25.54 -7.90
N ALA B 7 10.87 -26.23 -7.21
CA ALA B 7 10.83 -26.29 -5.76
C ALA B 7 11.23 -24.97 -5.13
N GLU B 8 12.31 -24.38 -5.63
CA GLU B 8 12.80 -23.13 -5.07
C GLU B 8 11.78 -22.01 -5.23
N ASP B 9 11.03 -22.02 -6.33
CA ASP B 9 10.01 -21.00 -6.50
C ASP B 9 8.87 -21.17 -5.51
N LYS B 10 8.52 -22.41 -5.19
CA LYS B 10 7.51 -22.64 -4.17
C LYS B 10 7.99 -22.12 -2.82
N ALA B 11 9.26 -22.36 -2.49
CA ALA B 11 9.78 -21.84 -1.23
C ALA B 11 9.76 -20.32 -1.20
N ALA B 12 10.07 -19.69 -2.34
CA ALA B 12 10.01 -18.23 -2.41
C ALA B 12 8.59 -17.72 -2.20
N VAL B 13 7.60 -18.38 -2.80
CA VAL B 13 6.21 -17.95 -2.62
C VAL B 13 5.81 -18.09 -1.17
N GLU B 14 6.25 -19.15 -0.50
CA GLU B 14 5.97 -19.29 0.92
C GLU B 14 6.53 -18.13 1.72
N ARG B 15 7.77 -17.74 1.42
CA ARG B 15 8.38 -16.61 2.11
C ARG B 15 7.56 -15.33 1.93
N SER B 16 7.09 -15.10 0.70
CA SER B 16 6.30 -13.90 0.45
C SER B 16 4.99 -13.91 1.23
N LYS B 17 4.33 -15.07 1.30
CA LYS B 17 3.07 -15.13 2.04
C LYS B 17 3.27 -14.85 3.52
N MET B 18 4.36 -15.34 4.11
CA MET B 18 4.64 -15.01 5.51
C MET B 18 4.89 -13.51 5.68
N ILE B 19 5.64 -12.89 4.77
CA ILE B 19 5.84 -11.45 4.84
C ILE B 19 4.51 -10.72 4.80
N GLU B 20 3.53 -11.17 4.04
CA GLU B 20 2.25 -10.48 3.99
C GLU B 20 1.49 -10.51 5.27
N LYS B 21 1.62 -11.60 6.00
CA LYS B 21 0.94 -11.79 7.24
C LYS B 21 1.37 -10.77 8.24
N GLN B 22 2.65 -10.53 8.29
CA GLN B 22 3.18 -9.53 9.18
C GLN B 22 2.72 -8.12 8.84
N LEU B 23 2.64 -7.80 7.57
CA LEU B 23 2.13 -6.53 7.14
C LEU B 23 0.67 -6.38 7.55
N GLN B 24 -0.14 -7.42 7.48
CA GLN B 24 -1.51 -7.31 7.95
C GLN B 24 -1.57 -7.00 9.44
N LYS B 25 -0.71 -7.63 10.20
CA LYS B 25 -0.65 -7.35 11.61
C LYS B 25 -0.29 -5.89 11.89
N ASP B 26 0.66 -5.38 11.13
CA ASP B 26 1.09 -4.00 11.23
C ASP B 26 0.00 -3.04 10.86
N LYS B 27 -0.81 -3.38 9.89
CA LYS B 27 -1.94 -2.57 9.50
C LYS B 27 -2.91 -2.49 10.60
N GLN B 28 -3.15 -3.57 11.31
CA GLN B 28 -4.02 -3.49 12.45
C GLN B 28 -3.46 -2.54 13.44
N VAL B 29 -2.18 -2.57 13.75
CA VAL B 29 -1.66 -1.60 14.70
C VAL B 29 -1.65 -0.16 14.20
N TYR B 30 -1.62 0.06 12.90
CA TYR B 30 -1.63 1.39 12.32
C TYR B 30 -2.99 1.93 12.07
N ARG B 31 -4.04 1.12 11.84
CA ARG B 31 -5.32 1.79 11.68
C ARG B 31 -5.92 2.28 12.98
N ALA B 32 -5.34 1.92 14.12
CA ALA B 32 -5.91 2.27 15.42
C ALA B 32 -5.08 3.30 16.16
N THR B 33 -4.22 4.02 15.47
CA THR B 33 -3.43 5.08 16.07
C THR B 33 -3.69 6.37 15.32
N HIS B 34 -3.88 7.45 16.06
CA HIS B 34 -4.19 8.75 15.50
C HIS B 34 -2.98 9.65 15.57
N ARG B 35 -2.65 10.29 14.45
CA ARG B 35 -1.45 11.08 14.32
C ARG B 35 -1.80 12.56 14.33
N LEU B 36 -1.00 13.35 15.04
CA LEU B 36 -1.22 14.77 15.21
C LEU B 36 0.08 15.50 14.91
N LEU B 37 -0.04 16.79 14.61
CA LEU B 37 1.12 17.64 14.35
C LEU B 37 1.05 18.86 15.26
N LEU B 38 2.18 19.20 15.88
CA LEU B 38 2.26 20.30 16.81
C LEU B 38 3.01 21.46 16.17
N LEU B 39 2.35 22.60 16.05
CA LEU B 39 2.94 23.79 15.44
C LEU B 39 2.85 24.94 16.41
N GLY B 40 3.82 25.84 16.35
CA GLY B 40 3.83 27.00 17.22
C GLY B 40 5.16 27.71 17.12
N ALA B 41 5.22 28.84 17.80
CA ALA B 41 6.40 29.71 17.75
C ALA B 41 7.29 29.44 18.95
N ASP B 42 8.35 30.25 19.08
CA ASP B 42 9.32 30.04 20.15
C ASP B 42 8.77 30.48 21.50
N ASN B 43 8.07 31.61 21.56
CA ASN B 43 7.55 32.09 22.83
C ASN B 43 6.36 31.28 23.31
N SER B 44 5.63 30.64 22.40
CA SER B 44 4.53 29.79 22.80
C SER B 44 5.05 28.65 23.65
N GLY B 45 4.28 28.29 24.68
CA GLY B 45 4.78 27.32 25.62
C GLY B 45 4.51 25.88 25.24
N LYS B 46 4.78 25.52 23.98
CA LYS B 46 4.45 24.15 23.57
C LYS B 46 5.38 23.14 24.20
N SER B 47 6.59 23.55 24.57
CA SER B 47 7.49 22.65 25.27
C SER B 47 6.93 22.24 26.61
N THR B 48 6.35 23.18 27.36
CA THR B 48 5.75 22.82 28.64
C THR B 48 4.58 21.87 28.45
N ILE B 49 3.75 22.11 27.43
CA ILE B 49 2.64 21.20 27.15
C ILE B 49 3.16 19.80 26.91
N VAL B 50 4.16 19.66 26.05
CA VAL B 50 4.62 18.32 25.70
C VAL B 50 5.27 17.65 26.90
N LYS B 51 6.00 18.42 27.72
CA LYS B 51 6.64 17.84 28.89
C LYS B 51 5.61 17.34 29.91
N GLN B 52 4.63 18.16 30.23
CA GLN B 52 3.64 17.76 31.23
C GLN B 52 2.79 16.61 30.72
N MET B 53 2.48 16.60 29.42
CA MET B 53 1.74 15.47 28.87
C MET B 53 2.56 14.19 28.91
N ARG B 54 3.88 14.29 28.69
CA ARG B 54 4.71 13.10 28.76
C ARG B 54 4.88 12.60 30.19
N ILE B 55 4.88 13.50 31.17
CA ILE B 55 5.06 13.08 32.55
C ILE B 55 3.76 12.50 33.10
N TYR B 56 2.66 13.22 32.93
CA TYR B 56 1.40 12.81 33.55
C TYR B 56 0.83 11.54 32.93
N HIS B 57 1.42 11.04 31.86
CA HIS B 57 1.00 9.78 31.27
C HIS B 57 2.22 8.89 31.10
N VAL B 58 2.01 7.59 31.29
CA VAL B 58 3.05 6.58 31.10
C VAL B 58 4.30 6.89 31.93
N VAL B 179 22.23 13.07 18.48
CA VAL B 179 20.96 13.71 18.76
C VAL B 179 21.21 15.17 19.11
N LYS B 180 21.77 15.90 18.17
CA LYS B 180 21.99 17.34 18.32
C LYS B 180 21.36 18.13 17.18
N THR B 181 21.38 17.59 15.97
CA THR B 181 20.65 18.16 14.84
C THR B 181 19.45 17.31 14.49
N SER B 182 18.88 16.62 15.48
CA SER B 182 17.73 15.77 15.23
C SER B 182 16.57 16.61 14.73
N GLY B 183 15.77 16.02 13.86
CA GLY B 183 14.82 16.80 13.10
C GLY B 183 13.39 16.75 13.59
N ILE B 184 12.98 15.62 14.14
CA ILE B 184 11.59 15.42 14.48
C ILE B 184 11.52 14.64 15.78
N PHE B 185 10.52 14.95 16.59
CA PHE B 185 10.34 14.31 17.89
C PHE B 185 9.08 13.44 17.88
N GLU B 186 8.98 12.62 18.92
CA GLU B 186 7.89 11.69 19.13
C GLU B 186 7.27 11.95 20.49
N THR B 187 6.01 11.57 20.64
CA THR B 187 5.39 11.55 21.96
C THR B 187 4.16 10.65 21.90
N LYS B 188 4.16 9.61 22.71
CA LYS B 188 3.01 8.73 22.82
C LYS B 188 2.27 9.05 24.11
N PHE B 189 0.94 9.08 24.02
CA PHE B 189 0.12 9.16 25.22
C PHE B 189 -1.22 8.52 24.91
N GLN B 190 -1.95 8.18 25.96
CA GLN B 190 -3.13 7.35 25.84
C GLN B 190 -4.24 7.91 26.72
N VAL B 191 -5.45 7.99 26.16
CA VAL B 191 -6.62 8.46 26.88
C VAL B 191 -7.76 7.49 26.65
N ASP B 192 -8.29 6.92 27.72
CA ASP B 192 -9.41 5.98 27.65
C ASP B 192 -9.12 4.84 26.68
N LYS B 193 -7.87 4.37 26.69
CA LYS B 193 -7.44 3.22 25.89
C LYS B 193 -7.46 3.52 24.39
N VAL B 194 -7.14 4.76 24.01
CA VAL B 194 -6.99 5.16 22.62
C VAL B 194 -5.63 5.81 22.46
N ASN B 195 -4.91 5.44 21.41
CA ASN B 195 -3.51 5.81 21.25
C ASN B 195 -3.34 7.03 20.37
N PHE B 196 -2.36 7.87 20.70
CA PHE B 196 -2.08 9.10 19.98
C PHE B 196 -0.59 9.26 19.77
N HIS B 197 -0.18 9.65 18.57
CA HIS B 197 1.16 10.17 18.31
C HIS B 197 1.11 11.67 18.10
N MET B 198 2.08 12.37 18.65
CA MET B 198 2.17 13.82 18.50
C MET B 198 3.58 14.16 18.07
N PHE B 199 3.73 14.76 16.89
CA PHE B 199 5.03 15.09 16.32
C PHE B 199 5.26 16.58 16.34
N ASP B 200 6.53 16.97 16.49
CA ASP B 200 6.93 18.34 16.23
C ASP B 200 8.29 18.34 15.56
N VAL B 201 8.61 19.45 14.90
CA VAL B 201 9.81 19.54 14.08
C VAL B 201 10.85 20.38 14.81
N GLY B 202 12.06 19.86 14.92
CA GLY B 202 13.06 20.46 15.77
C GLY B 202 14.07 21.38 15.11
N ALA B 203 14.75 20.89 14.07
CA ALA B 203 15.89 21.61 13.52
C ALA B 203 15.71 21.97 12.07
N GLN B 204 14.58 22.56 11.72
CA GLN B 204 14.27 22.95 10.36
C GLN B 204 14.58 24.43 10.17
N ARG B 205 14.53 24.89 8.91
CA ARG B 205 14.71 26.31 8.62
C ARG B 205 13.38 27.05 8.77
N ASP B 206 13.37 28.32 8.37
CA ASP B 206 12.17 29.14 8.53
C ASP B 206 11.10 28.81 7.49
N GLU B 207 11.49 28.47 6.28
CA GLU B 207 10.52 28.13 5.25
C GLU B 207 9.82 26.82 5.57
N ARG B 208 8.56 26.72 5.14
CA ARG B 208 7.72 25.59 5.50
C ARG B 208 6.99 24.95 4.35
N ARG B 209 6.98 25.56 3.17
CA ARG B 209 6.06 25.13 2.13
C ARG B 209 6.39 23.76 1.56
N LYS B 210 7.53 23.18 1.90
CA LYS B 210 7.92 21.93 1.28
C LYS B 210 7.61 20.71 2.14
N TRP B 211 8.00 20.69 3.41
CA TRP B 211 7.79 19.49 4.19
C TRP B 211 6.40 19.39 4.80
N ILE B 212 5.55 20.40 4.60
CA ILE B 212 4.18 20.32 5.11
C ILE B 212 3.32 19.37 4.31
N GLN B 213 3.80 18.90 3.16
CA GLN B 213 3.02 17.99 2.34
C GLN B 213 2.97 16.59 2.92
N CYS B 214 3.97 16.21 3.72
CA CYS B 214 3.98 14.87 4.29
C CYS B 214 2.85 14.65 5.28
N PHE B 215 2.19 15.71 5.72
CA PHE B 215 1.17 15.63 6.77
C PHE B 215 -0.22 15.94 6.27
N ASN B 216 -0.61 15.44 5.11
CA ASN B 216 -1.97 15.67 4.65
C ASN B 216 -2.91 14.53 4.97
N ASP B 217 -2.49 13.59 5.81
CA ASP B 217 -3.36 12.52 6.25
C ASP B 217 -3.45 12.42 7.77
N VAL B 218 -2.86 13.37 8.50
CA VAL B 218 -3.00 13.37 9.94
C VAL B 218 -4.44 13.66 10.31
N THR B 219 -4.77 13.39 11.57
CA THR B 219 -6.13 13.60 12.06
C THR B 219 -6.40 15.05 12.38
N ALA B 220 -5.44 15.75 12.97
CA ALA B 220 -5.64 17.14 13.33
C ALA B 220 -4.29 17.83 13.46
N ILE B 221 -4.34 19.16 13.42
CA ILE B 221 -3.17 20.01 13.63
C ILE B 221 -3.42 20.80 14.90
N ILE B 222 -2.52 20.67 15.86
CA ILE B 222 -2.60 21.41 17.11
C ILE B 222 -1.75 22.66 16.98
N PHE B 223 -2.37 23.83 17.18
CA PHE B 223 -1.73 25.12 16.99
C PHE B 223 -1.72 25.85 18.32
N VAL B 224 -0.55 26.28 18.75
CA VAL B 224 -0.39 26.91 20.06
C VAL B 224 0.08 28.35 19.87
N VAL B 225 -0.67 29.28 20.45
CA VAL B 225 -0.38 30.71 20.34
C VAL B 225 -0.35 31.32 21.73
N ASP B 226 0.61 32.18 21.97
CA ASP B 226 0.70 32.90 23.23
C ASP B 226 -0.18 34.13 23.14
N SER B 227 -0.92 34.41 24.21
CA SER B 227 -1.88 35.49 24.20
C SER B 227 -1.49 36.64 25.12
N SER B 228 -0.24 36.71 25.55
CA SER B 228 0.20 37.77 26.45
C SER B 228 1.29 38.64 25.87
N ASP B 229 1.48 38.63 24.55
CA ASP B 229 2.58 39.36 23.93
C ASP B 229 2.17 40.74 23.42
N TYR B 230 1.09 40.80 22.64
CA TYR B 230 0.52 42.04 22.13
C TYR B 230 1.40 42.64 21.04
N ASN B 231 2.61 42.12 20.88
CA ASN B 231 3.54 42.65 19.90
C ASN B 231 3.88 41.66 18.81
N ARG B 232 4.01 40.39 19.17
CA ARG B 232 4.25 39.33 18.20
C ARG B 232 2.97 38.61 17.83
N LEU B 233 1.82 39.24 18.03
CA LEU B 233 0.56 38.55 17.80
C LEU B 233 0.10 38.64 16.34
N GLN B 234 0.39 39.76 15.67
CA GLN B 234 0.02 39.87 14.26
C GLN B 234 0.77 38.84 13.41
N GLU B 235 2.02 38.57 13.75
CA GLU B 235 2.75 37.51 13.06
C GLU B 235 2.09 36.16 13.28
N ALA B 236 1.58 35.91 14.48
CA ALA B 236 0.88 34.66 14.74
C ALA B 236 -0.39 34.56 13.90
N LEU B 237 -1.12 35.67 13.76
CA LEU B 237 -2.31 35.66 12.92
C LEU B 237 -1.95 35.35 11.47
N ASN B 238 -0.87 35.95 10.96
CA ASN B 238 -0.46 35.67 9.59
C ASN B 238 -0.07 34.20 9.42
N ASP B 239 0.64 33.64 10.39
CA ASP B 239 1.05 32.25 10.31
C ASP B 239 -0.15 31.33 10.30
N PHE B 240 -1.14 31.60 11.16
CA PHE B 240 -2.35 30.79 11.15
C PHE B 240 -3.07 30.90 9.82
N LYS B 241 -3.10 32.10 9.25
CA LYS B 241 -3.75 32.27 7.95
C LYS B 241 -3.04 31.46 6.88
N SER B 242 -1.72 31.37 6.95
CA SER B 242 -0.99 30.58 5.97
C SER B 242 -1.26 29.09 6.13
N ILE B 243 -1.36 28.60 7.36
CA ILE B 243 -1.71 27.19 7.56
C ILE B 243 -3.11 26.89 7.07
N TRP B 244 -4.05 27.79 7.33
CA TRP B 244 -5.46 27.49 7.05
C TRP B 244 -5.73 27.34 5.56
N ASN B 245 -5.06 28.13 4.73
CA ASN B 245 -5.37 28.19 3.31
C ASN B 245 -4.38 27.40 2.45
N ASN B 246 -3.58 26.54 3.04
CA ASN B 246 -2.63 25.74 2.28
C ASN B 246 -3.39 24.79 1.35
N ARG B 247 -2.78 24.52 0.19
CA ARG B 247 -3.46 23.72 -0.82
C ARG B 247 -3.51 22.25 -0.45
N TRP B 248 -2.51 21.76 0.28
CA TRP B 248 -2.48 20.35 0.65
C TRP B 248 -3.17 20.06 1.99
N LEU B 249 -3.56 21.08 2.73
CA LEU B 249 -4.17 20.88 4.03
C LEU B 249 -5.67 21.13 4.04
N ARG B 250 -6.30 21.24 2.88
CA ARG B 250 -7.75 21.21 2.85
C ARG B 250 -8.22 19.85 3.32
N THR B 251 -9.26 19.84 4.17
CA THR B 251 -9.75 18.66 4.88
C THR B 251 -8.83 18.22 6.01
N ILE B 252 -8.16 19.15 6.68
CA ILE B 252 -7.46 18.90 7.93
C ILE B 252 -7.91 19.95 8.93
N SER B 253 -8.42 19.51 10.07
CA SER B 253 -8.95 20.39 11.08
C SER B 253 -7.85 20.90 11.99
N VAL B 254 -8.16 21.95 12.74
CA VAL B 254 -7.18 22.64 13.58
C VAL B 254 -7.75 22.79 14.98
N ILE B 255 -6.97 22.38 15.98
CA ILE B 255 -7.26 22.62 17.38
C ILE B 255 -6.32 23.72 17.84
N LEU B 256 -6.88 24.88 18.16
CA LEU B 256 -6.07 26.00 18.61
C LEU B 256 -6.10 26.20 20.12
N PHE B 257 -4.92 26.35 20.70
CA PHE B 257 -4.78 26.56 22.13
C PHE B 257 -4.34 28.00 22.34
N LEU B 258 -5.12 28.77 23.08
CA LEU B 258 -4.76 30.16 23.40
C LEU B 258 -4.12 30.13 24.79
N ASN B 259 -2.83 29.85 24.81
CA ASN B 259 -2.12 29.43 26.00
C ASN B 259 -1.63 30.66 26.77
N LYS B 260 -1.12 30.44 27.98
CA LYS B 260 -0.70 31.49 28.91
C LYS B 260 -1.83 32.50 29.16
N GLN B 261 -2.92 32.02 29.75
CA GLN B 261 -4.02 32.91 30.08
C GLN B 261 -3.71 33.77 31.29
N ASP B 262 -3.04 33.20 32.30
CA ASP B 262 -2.88 33.94 33.54
C ASP B 262 -1.96 35.14 33.35
N LEU B 263 -0.92 35.00 32.54
CA LEU B 263 -0.07 36.14 32.24
C LEU B 263 -0.89 37.29 31.69
N LEU B 264 -1.82 36.98 30.78
CA LEU B 264 -2.75 37.99 30.30
C LEU B 264 -3.55 38.59 31.44
N ALA B 265 -3.90 37.76 32.43
CA ALA B 265 -4.65 38.27 33.56
C ALA B 265 -3.87 39.34 34.32
N GLU B 266 -2.63 39.04 34.73
CA GLU B 266 -1.88 40.09 35.43
C GLU B 266 -1.63 41.29 34.53
N LYS B 267 -1.37 41.06 33.24
CA LYS B 267 -1.05 42.19 32.38
C LYS B 267 -2.23 43.15 32.27
N VAL B 268 -3.44 42.62 32.18
CA VAL B 268 -4.60 43.51 32.13
C VAL B 268 -4.83 44.17 33.48
N LEU B 269 -4.69 43.40 34.58
CA LEU B 269 -5.02 43.95 35.89
C LEU B 269 -4.08 45.09 36.29
N ALA B 270 -2.79 44.95 36.00
CA ALA B 270 -1.84 46.01 36.35
C ALA B 270 -2.17 47.31 35.62
N GLY B 271 -2.50 47.22 34.33
CA GLY B 271 -2.97 48.36 33.57
C GLY B 271 -1.90 49.18 32.87
N LYS B 272 -0.63 48.86 33.04
CA LYS B 272 0.43 49.66 32.43
C LYS B 272 0.37 49.60 30.91
N SER B 273 0.09 48.43 30.35
CA SER B 273 0.14 48.22 28.90
C SER B 273 -1.27 48.07 28.36
N LYS B 274 -1.65 48.99 27.48
CA LYS B 274 -2.98 48.95 26.89
C LYS B 274 -3.01 47.95 25.74
N ILE B 275 -4.18 47.79 25.14
CA ILE B 275 -4.32 46.90 23.99
C ILE B 275 -4.86 47.68 22.81
N GLU B 276 -5.59 48.75 23.09
CA GLU B 276 -6.22 49.51 22.01
C GLU B 276 -5.18 50.14 21.11
N ASP B 277 -4.00 50.44 21.65
CA ASP B 277 -2.96 51.10 20.85
C ASP B 277 -2.48 50.22 19.71
N TYR B 278 -2.31 48.92 19.96
CA TYR B 278 -1.86 48.03 18.90
C TYR B 278 -2.99 47.68 17.94
N PHE B 279 -4.21 47.57 18.42
CA PHE B 279 -5.35 47.20 17.58
C PHE B 279 -6.38 48.31 17.61
N PRO B 280 -6.57 49.04 16.52
CA PRO B 280 -7.49 50.20 16.57
C PRO B 280 -8.92 49.83 16.89
N GLU B 281 -9.41 48.72 16.37
CA GLU B 281 -10.84 48.43 16.43
C GLU B 281 -11.29 47.86 17.76
N PHE B 282 -10.47 47.94 18.80
CA PHE B 282 -10.83 47.34 20.07
C PHE B 282 -11.90 48.15 20.79
N ALA B 283 -11.93 49.46 20.59
CA ALA B 283 -12.87 50.30 21.32
C ALA B 283 -14.31 49.97 20.93
N ARG B 284 -14.57 49.80 19.64
CA ARG B 284 -15.93 49.59 19.16
C ARG B 284 -16.41 48.16 19.37
N TYR B 285 -15.71 47.36 20.16
CA TYR B 285 -16.04 45.96 20.35
C TYR B 285 -16.68 45.72 21.70
N THR B 286 -17.65 44.81 21.75
CA THR B 286 -18.34 44.47 22.98
C THR B 286 -18.55 42.97 23.07
N THR B 287 -18.62 42.46 24.29
CA THR B 287 -18.60 41.03 24.55
C THR B 287 -19.78 40.35 23.87
N PRO B 288 -19.57 39.17 23.27
CA PRO B 288 -20.70 38.45 22.67
C PRO B 288 -21.61 37.91 23.75
N GLU B 289 -22.87 37.70 23.38
CA GLU B 289 -23.89 37.35 24.36
C GLU B 289 -23.71 35.95 24.93
N ASP B 290 -23.05 35.04 24.21
CA ASP B 290 -22.92 33.66 24.62
C ASP B 290 -21.61 33.35 25.35
N ALA B 291 -20.99 34.35 25.96
CA ALA B 291 -19.76 34.13 26.69
C ALA B 291 -20.04 33.43 28.02
N THR B 292 -19.05 32.67 28.51
CA THR B 292 -19.20 31.89 29.74
C THR B 292 -18.00 32.08 30.65
N PRO B 293 -17.92 33.19 31.36
CA PRO B 293 -16.83 33.38 32.31
C PRO B 293 -17.07 32.59 33.59
N GLU B 294 -16.32 31.53 33.80
CA GLU B 294 -16.78 30.59 34.83
C GLU B 294 -16.43 30.98 36.26
N PRO B 295 -15.14 31.03 36.65
CA PRO B 295 -14.86 31.09 38.09
C PRO B 295 -15.31 32.37 38.74
N GLY B 296 -15.47 33.44 37.97
CA GLY B 296 -15.70 34.73 38.55
C GLY B 296 -14.43 35.56 38.55
N GLU B 297 -14.31 36.48 37.59
CA GLU B 297 -13.16 37.36 37.49
C GLU B 297 -13.63 38.65 36.84
N ASP B 298 -12.75 39.65 36.86
CA ASP B 298 -13.14 40.97 36.38
C ASP B 298 -13.53 40.87 34.90
N PRO B 299 -14.55 41.62 34.46
CA PRO B 299 -15.02 41.49 33.07
C PRO B 299 -14.02 41.94 32.01
N ARG B 300 -13.05 42.79 32.35
CA ARG B 300 -12.13 43.30 31.34
C ARG B 300 -11.31 42.17 30.71
N VAL B 301 -10.84 41.24 31.54
CA VAL B 301 -10.07 40.12 31.00
C VAL B 301 -10.94 39.29 30.08
N THR B 302 -12.22 39.15 30.40
CA THR B 302 -13.13 38.43 29.54
C THR B 302 -13.25 39.09 28.17
N ARG B 303 -13.42 40.41 28.17
CA ARG B 303 -13.50 41.13 26.91
C ARG B 303 -12.24 40.94 26.08
N ALA B 304 -11.08 41.05 26.73
CA ALA B 304 -9.81 40.92 26.00
C ALA B 304 -9.68 39.55 25.36
N LYS B 305 -9.85 38.49 26.15
CA LYS B 305 -9.61 37.17 25.60
C LYS B 305 -10.63 36.82 24.52
N TYR B 306 -11.87 37.28 24.66
CA TYR B 306 -12.81 36.98 23.59
C TYR B 306 -12.50 37.78 22.33
N PHE B 307 -11.89 38.96 22.47
CA PHE B 307 -11.47 39.68 21.27
C PHE B 307 -10.38 38.92 20.52
N ILE B 308 -9.41 38.37 21.24
CA ILE B 308 -8.35 37.58 20.61
C ILE B 308 -8.98 36.40 19.86
N ARG B 309 -9.84 35.66 20.55
CA ARG B 309 -10.46 34.51 19.92
C ARG B 309 -11.26 34.92 18.69
N ASP B 310 -11.90 36.08 18.72
CA ASP B 310 -12.70 36.48 17.58
C ASP B 310 -11.85 36.81 16.37
N GLU B 311 -10.66 37.39 16.59
CA GLU B 311 -9.75 37.57 15.46
C GLU B 311 -9.44 36.24 14.79
N PHE B 312 -9.03 35.26 15.59
CA PHE B 312 -8.66 33.98 14.98
C PHE B 312 -9.85 33.35 14.28
N LEU B 313 -11.03 33.40 14.91
CA LEU B 313 -12.19 32.76 14.31
C LEU B 313 -12.68 33.47 13.07
N ARG B 314 -12.45 34.78 12.96
CA ARG B 314 -12.79 35.48 11.72
C ARG B 314 -11.95 34.96 10.58
N ILE B 315 -10.64 34.82 10.81
CA ILE B 315 -9.80 34.22 9.77
C ILE B 315 -10.30 32.84 9.42
N SER B 316 -10.70 32.04 10.42
CA SER B 316 -11.13 30.68 10.14
C SER B 316 -12.43 30.64 9.35
N THR B 317 -13.37 31.52 9.66
CA THR B 317 -14.68 31.52 9.03
C THR B 317 -14.69 32.17 7.66
N ALA B 318 -13.60 32.84 7.27
CA ALA B 318 -13.57 33.50 5.97
C ALA B 318 -13.89 32.54 4.83
N SER B 319 -13.18 31.42 4.72
CA SER B 319 -13.27 30.59 3.52
C SER B 319 -13.23 29.10 3.84
N GLY B 320 -13.99 28.67 4.84
CA GLY B 320 -13.97 27.26 5.22
C GLY B 320 -14.55 26.34 4.14
N ASP B 321 -15.72 26.69 3.61
CA ASP B 321 -16.44 25.92 2.60
C ASP B 321 -16.96 24.59 3.13
N GLY B 322 -17.02 24.41 4.44
CA GLY B 322 -17.65 23.24 5.00
C GLY B 322 -16.84 21.96 4.95
N ARG B 323 -15.58 22.04 4.67
CA ARG B 323 -14.78 20.89 4.60
C ARG B 323 -13.87 20.66 5.78
N HIS B 324 -13.58 21.66 6.60
CA HIS B 324 -12.80 21.49 7.82
C HIS B 324 -13.16 22.60 8.80
N TYR B 325 -12.92 22.34 10.08
CA TYR B 325 -13.40 23.17 11.18
C TYR B 325 -12.26 23.55 12.10
N CYS B 326 -12.52 24.52 12.99
CA CYS B 326 -11.55 25.04 13.95
C CYS B 326 -12.13 25.03 15.35
N TYR B 327 -11.44 24.40 16.29
CA TYR B 327 -11.93 24.21 17.66
C TYR B 327 -11.09 25.04 18.63
N PRO B 328 -11.63 26.10 19.23
CA PRO B 328 -10.84 26.92 20.15
C PRO B 328 -10.85 26.41 21.58
N HIS B 329 -9.84 26.85 22.33
CA HIS B 329 -9.70 26.48 23.73
C HIS B 329 -8.88 27.54 24.44
N PHE B 330 -9.20 27.79 25.70
CA PHE B 330 -8.39 28.62 26.58
C PHE B 330 -7.68 27.71 27.57
N THR B 331 -6.36 27.76 27.62
CA THR B 331 -5.60 26.84 28.43
C THR B 331 -4.45 27.56 29.11
N CYS B 332 -3.93 26.93 30.16
CA CYS B 332 -2.66 27.29 30.77
C CYS B 332 -1.69 26.14 30.56
N SER B 333 -0.41 26.47 30.43
CA SER B 333 0.58 25.46 30.08
C SER B 333 0.77 24.42 31.18
N VAL B 334 0.35 24.72 32.41
CA VAL B 334 0.59 23.83 33.54
C VAL B 334 -0.62 22.96 33.87
N ASP B 335 -1.83 23.38 33.51
CA ASP B 335 -3.04 22.65 33.86
C ASP B 335 -3.01 21.23 33.31
N THR B 336 -3.97 20.43 33.74
CA THR B 336 -3.92 18.99 33.54
C THR B 336 -5.14 18.45 32.81
N GLU B 337 -5.67 19.21 31.86
CA GLU B 337 -6.88 18.78 31.16
C GLU B 337 -6.75 18.87 29.64
N ASN B 338 -5.53 18.94 29.10
CA ASN B 338 -5.37 19.10 27.66
C ASN B 338 -5.62 17.81 26.89
N ALA B 339 -5.20 16.67 27.45
CA ALA B 339 -5.38 15.41 26.75
C ALA B 339 -6.84 15.12 26.50
N ARG B 340 -7.70 15.45 27.47
CA ARG B 340 -9.13 15.22 27.28
C ARG B 340 -9.69 16.13 26.21
N ARG B 341 -9.20 17.36 26.11
CA ARG B 341 -9.67 18.26 25.06
C ARG B 341 -9.33 17.70 23.69
N ILE B 342 -8.10 17.21 23.53
CA ILE B 342 -7.71 16.63 22.24
C ILE B 342 -8.56 15.40 21.93
N PHE B 343 -8.85 14.59 22.95
CA PHE B 343 -9.67 13.40 22.75
C PHE B 343 -11.07 13.77 22.24
N ASN B 344 -11.70 14.76 22.87
CA ASN B 344 -13.03 15.19 22.45
C ASN B 344 -13.03 15.71 21.01
N ASP B 345 -12.06 16.58 20.70
CA ASP B 345 -12.02 17.15 19.35
C ASP B 345 -11.79 16.07 18.29
N CYS B 346 -10.90 15.11 18.57
CA CYS B 346 -10.66 14.05 17.60
C CYS B 346 -11.89 13.17 17.42
N ARG B 347 -12.62 12.93 18.51
CA ARG B 347 -13.88 12.21 18.40
C ARG B 347 -14.79 12.89 17.40
N ASP B 348 -14.94 14.20 17.53
CA ASP B 348 -15.84 14.93 16.64
C ASP B 348 -15.34 14.88 15.19
N ILE B 349 -14.03 14.99 14.98
CA ILE B 349 -13.49 14.96 13.62
C ILE B 349 -13.75 13.62 12.95
N ILE B 350 -13.45 12.52 13.64
CA ILE B 350 -13.64 11.21 13.05
C ILE B 350 -15.11 10.94 12.79
N GLN B 351 -15.99 11.43 13.68
CA GLN B 351 -17.42 11.28 13.45
C GLN B 351 -17.85 11.99 12.17
N ARG B 352 -17.35 13.21 11.95
CA ARG B 352 -17.66 13.93 10.72
C ARG B 352 -17.21 13.16 9.48
N MET B 353 -15.98 12.64 9.51
CA MET B 353 -15.50 11.86 8.37
C MET B 353 -16.37 10.64 8.11
N HIS B 354 -16.75 9.93 9.17
CA HIS B 354 -17.56 8.73 8.97
C HIS B 354 -18.94 9.08 8.44
N LEU B 355 -19.49 10.22 8.83
CA LEU B 355 -20.74 10.66 8.23
C LEU B 355 -20.57 10.87 6.73
N ARG B 356 -19.45 11.45 6.33
CA ARG B 356 -19.21 11.66 4.90
C ARG B 356 -18.99 10.36 4.15
N GLN B 357 -18.31 9.39 4.77
CA GLN B 357 -17.93 8.15 4.09
C GLN B 357 -19.13 7.23 3.89
N TYR B 358 -19.95 7.05 4.91
CA TYR B 358 -21.02 6.07 4.90
C TYR B 358 -22.30 6.60 4.27
N GLU B 359 -22.18 7.63 3.43
CA GLU B 359 -23.28 8.10 2.59
C GLU B 359 -24.50 8.51 3.41
N LEU B 360 -24.27 9.30 4.45
CA LEU B 360 -25.36 9.88 5.20
C LEU B 360 -25.57 11.34 4.90
N LEU B 361 -24.53 12.08 4.52
CA LEU B 361 -24.69 13.43 4.05
C LEU B 361 -23.79 13.67 2.85
N LEU C 18 30.76 47.61 -4.18
CA LEU C 18 31.27 47.27 -5.50
C LEU C 18 30.53 46.08 -6.10
N ARG C 19 29.22 45.99 -5.80
CA ARG C 19 28.40 44.96 -6.42
C ARG C 19 28.18 45.21 -7.91
N GLN C 20 28.47 46.43 -8.38
CA GLN C 20 28.38 46.72 -9.80
C GLN C 20 29.26 45.78 -10.61
N GLU C 21 30.38 45.33 -10.03
CA GLU C 21 31.18 44.32 -10.71
C GLU C 21 30.38 43.06 -10.93
N ALA C 22 29.63 42.63 -9.91
CA ALA C 22 28.79 41.44 -10.07
C ALA C 22 27.74 41.64 -11.13
N GLU C 23 27.08 42.80 -11.12
CA GLU C 23 26.04 43.05 -12.12
C GLU C 23 26.62 43.07 -13.53
N GLN C 24 27.77 43.72 -13.70
CA GLN C 24 28.39 43.80 -15.02
C GLN C 24 28.84 42.43 -15.51
N LEU C 25 29.44 41.63 -14.61
CA LEU C 25 29.82 40.29 -15.01
C LEU C 25 28.59 39.48 -15.39
N LYS C 26 27.48 39.70 -14.70
CA LYS C 26 26.24 39.01 -15.06
C LYS C 26 25.80 39.40 -16.47
N ASN C 27 25.83 40.69 -16.78
CA ASN C 27 25.43 41.14 -18.11
C ASN C 27 26.37 40.58 -19.17
N GLN C 28 27.66 40.52 -18.87
CA GLN C 28 28.63 39.98 -19.81
C GLN C 28 28.38 38.51 -20.09
N ILE C 29 28.09 37.74 -19.04
CA ILE C 29 27.76 36.32 -19.23
C ILE C 29 26.49 36.18 -20.05
N ARG C 30 25.50 37.04 -19.79
CA ARG C 30 24.27 36.99 -20.57
C ARG C 30 24.55 37.23 -22.05
N ASP C 31 25.38 38.22 -22.35
CA ASP C 31 25.69 38.52 -23.75
C ASP C 31 26.43 37.36 -24.42
N ALA C 32 27.44 36.83 -23.73
CA ALA C 32 28.19 35.70 -24.29
C ALA C 32 27.27 34.52 -24.55
N ARG C 33 26.30 34.30 -23.67
CA ARG C 33 25.32 33.25 -23.91
C ARG C 33 24.48 33.58 -25.14
N LYS C 34 24.07 34.84 -25.28
CA LYS C 34 23.16 35.22 -26.36
C LYS C 34 23.81 35.08 -27.72
N ALA C 35 25.13 35.29 -27.81
CA ALA C 35 25.78 35.23 -29.10
C ALA C 35 25.67 33.86 -29.74
N CYS C 36 25.89 32.81 -28.97
CA CYS C 36 26.08 31.47 -29.53
C CYS C 36 24.80 30.87 -30.10
N ALA C 37 23.65 31.49 -29.89
CA ALA C 37 22.40 30.91 -30.35
C ALA C 37 22.07 31.44 -31.74
N ASP C 38 22.05 30.55 -32.73
CA ASP C 38 21.64 30.91 -34.07
C ASP C 38 20.47 30.09 -34.58
N ALA C 39 20.45 28.79 -34.29
CA ALA C 39 19.34 27.92 -34.66
C ALA C 39 18.83 27.23 -33.41
N THR C 40 17.53 26.97 -33.39
CA THR C 40 16.91 26.25 -32.29
C THR C 40 16.73 24.79 -32.65
N LEU C 41 16.52 23.97 -31.63
CA LEU C 41 16.39 22.53 -31.85
C LEU C 41 15.14 22.19 -32.65
N SER C 42 14.09 22.99 -32.52
CA SER C 42 12.86 22.74 -33.27
C SER C 42 13.11 22.84 -34.77
N GLN C 43 13.86 23.87 -35.19
CA GLN C 43 14.13 24.05 -36.61
C GLN C 43 14.91 22.87 -37.17
N ILE C 44 15.97 22.46 -36.47
CA ILE C 44 16.81 21.39 -36.97
C ILE C 44 16.05 20.06 -36.98
N THR C 45 15.20 19.83 -36.00
CA THR C 45 14.43 18.60 -35.96
C THR C 45 13.16 18.66 -36.79
N ASN C 46 12.87 19.80 -37.42
CA ASN C 46 11.66 19.90 -38.23
C ASN C 46 11.63 18.90 -39.37
N ASN C 47 12.78 18.37 -39.76
CA ASN C 47 12.87 17.48 -40.92
C ASN C 47 13.13 16.04 -40.52
N ILE C 48 12.52 15.56 -39.43
CA ILE C 48 12.61 14.16 -39.06
C ILE C 48 11.22 13.62 -38.78
N ASP C 49 11.08 12.31 -38.96
CA ASP C 49 9.77 11.69 -38.86
C ASP C 49 9.30 11.66 -37.40
N PRO C 50 8.00 11.71 -37.17
CA PRO C 50 7.49 11.67 -35.80
C PRO C 50 7.43 10.25 -35.27
N VAL C 51 7.29 10.15 -33.94
CA VAL C 51 7.32 8.84 -33.29
C VAL C 51 5.98 8.14 -33.39
N GLY C 52 4.89 8.89 -33.53
CA GLY C 52 3.58 8.28 -33.58
C GLY C 52 3.05 7.95 -32.21
N ARG C 53 1.88 7.32 -32.18
CA ARG C 53 1.24 6.98 -30.93
C ARG C 53 1.97 5.84 -30.24
N ILE C 54 2.01 5.89 -28.92
CA ILE C 54 2.68 4.89 -28.09
C ILE C 54 1.67 4.38 -27.09
N GLN C 55 1.24 3.13 -27.25
CA GLN C 55 0.34 2.49 -26.32
C GLN C 55 1.14 1.60 -25.40
N MET C 56 1.06 1.85 -24.10
CA MET C 56 1.75 1.06 -23.11
C MET C 56 0.72 0.58 -22.09
N ARG C 57 0.66 -0.72 -21.88
CA ARG C 57 -0.35 -1.32 -21.02
C ARG C 57 0.29 -1.87 -19.76
N THR C 58 -0.46 -1.83 -18.68
CA THR C 58 0.03 -2.34 -17.41
C THR C 58 0.12 -3.86 -17.43
N ARG C 59 1.13 -4.39 -16.76
CA ARG C 59 1.37 -5.82 -16.70
C ARG C 59 1.25 -6.37 -15.29
N ARG C 60 1.90 -5.74 -14.32
CA ARG C 60 1.86 -6.18 -12.94
C ARG C 60 1.35 -5.05 -12.07
N THR C 61 0.75 -5.43 -10.94
CA THR C 61 0.42 -4.49 -9.88
C THR C 61 0.95 -5.05 -8.58
N LEU C 62 1.68 -4.22 -7.84
CA LEU C 62 2.35 -4.65 -6.63
C LEU C 62 1.64 -4.05 -5.43
N ARG C 63 1.07 -4.91 -4.60
CA ARG C 63 0.31 -4.51 -3.43
C ARG C 63 1.01 -4.95 -2.16
N GLY C 64 0.78 -4.21 -1.09
CA GLY C 64 1.39 -4.55 0.18
C GLY C 64 1.79 -3.37 1.03
N HIS C 65 1.82 -2.18 0.45
CA HIS C 65 2.16 -0.99 1.23
C HIS C 65 0.94 -0.49 1.97
N LEU C 66 1.15 0.05 3.16
CA LEU C 66 0.06 0.54 3.99
C LEU C 66 -0.35 1.97 3.67
N ALA C 67 0.59 2.82 3.27
CA ALA C 67 0.31 4.23 3.06
C ALA C 67 0.94 4.71 1.77
N LYS C 68 1.00 6.02 1.58
CA LYS C 68 1.46 6.57 0.32
C LYS C 68 2.95 6.32 0.10
N ILE C 69 3.34 6.24 -1.16
CA ILE C 69 4.69 5.90 -1.58
C ILE C 69 5.41 7.18 -2.00
N TYR C 70 6.64 7.36 -1.55
CA TYR C 70 7.42 8.51 -1.95
C TYR C 70 8.55 8.22 -2.94
N ALA C 71 9.26 7.11 -2.81
CA ALA C 71 10.41 6.88 -3.67
C ALA C 71 10.51 5.43 -4.10
N MET C 72 11.19 5.21 -5.21
CA MET C 72 11.57 3.87 -5.66
C MET C 72 12.81 3.99 -6.52
N HIS C 73 13.53 2.88 -6.68
CA HIS C 73 14.77 2.90 -7.44
C HIS C 73 15.06 1.49 -7.93
N TRP C 74 15.38 1.33 -9.20
CA TRP C 74 15.61 0.03 -9.82
C TRP C 74 17.00 -0.48 -9.49
N GLY C 75 17.15 -1.80 -9.58
CA GLY C 75 18.46 -2.38 -9.47
C GLY C 75 19.22 -2.35 -10.77
N THR C 76 20.49 -2.72 -10.71
CA THR C 76 21.31 -2.71 -11.90
C THR C 76 21.03 -3.92 -12.79
N ASP C 77 20.50 -5.00 -12.23
CA ASP C 77 20.20 -6.18 -13.02
C ASP C 77 18.83 -6.14 -13.67
N SER C 78 18.06 -5.08 -13.45
CA SER C 78 16.77 -4.86 -14.08
C SER C 78 15.68 -5.79 -13.59
N ARG C 79 15.84 -6.38 -12.42
CA ARG C 79 14.78 -7.26 -11.93
C ARG C 79 14.31 -6.90 -10.53
N LEU C 80 15.21 -6.48 -9.65
CA LEU C 80 14.85 -6.15 -8.28
C LEU C 80 14.51 -4.67 -8.17
N LEU C 81 13.81 -4.33 -7.08
CA LEU C 81 13.19 -3.02 -6.96
C LEU C 81 12.96 -2.71 -5.50
N VAL C 82 13.24 -1.47 -5.09
CA VAL C 82 13.08 -1.03 -3.71
C VAL C 82 12.13 0.15 -3.69
N SER C 83 11.29 0.21 -2.66
CA SER C 83 10.29 1.28 -2.53
C SER C 83 10.15 1.67 -1.06
N ALA C 84 9.77 2.94 -0.84
CA ALA C 84 9.68 3.51 0.49
C ALA C 84 8.32 4.15 0.71
N SER C 85 7.80 4.03 1.93
CA SER C 85 6.45 4.47 2.26
C SER C 85 6.42 5.11 3.64
N GLN C 86 5.40 5.94 3.85
CA GLN C 86 5.28 6.71 5.08
C GLN C 86 4.98 5.86 6.30
N ASP C 87 4.63 4.60 6.14
CA ASP C 87 4.37 3.76 7.30
C ASP C 87 5.63 3.29 7.99
N GLY C 88 6.79 3.45 7.37
CA GLY C 88 8.05 3.00 7.94
C GLY C 88 8.48 1.65 7.41
N LYS C 89 8.37 1.44 6.11
CA LYS C 89 8.80 0.21 5.48
C LYS C 89 9.65 0.49 4.24
N LEU C 90 10.61 -0.39 4.02
CA LEU C 90 11.24 -0.59 2.72
C LEU C 90 10.91 -2.01 2.28
N ILE C 91 10.45 -2.17 1.05
CA ILE C 91 10.12 -3.47 0.51
C ILE C 91 10.95 -3.68 -0.75
N ILE C 92 11.61 -4.84 -0.84
CA ILE C 92 12.37 -5.21 -2.02
C ILE C 92 11.57 -6.24 -2.79
N TRP C 93 11.16 -5.90 -4.01
CA TRP C 93 10.27 -6.69 -4.83
C TRP C 93 11.05 -7.51 -5.83
N ASP C 94 10.39 -8.52 -6.38
CA ASP C 94 10.85 -9.23 -7.56
C ASP C 94 9.86 -8.91 -8.67
N SER C 95 10.30 -8.15 -9.65
CA SER C 95 9.40 -7.58 -10.63
C SER C 95 8.76 -8.64 -11.51
N TYR C 96 9.49 -9.71 -11.85
CA TYR C 96 8.98 -10.70 -12.79
C TYR C 96 7.86 -11.53 -12.19
N THR C 97 7.91 -11.80 -10.89
CA THR C 97 6.97 -12.69 -10.25
C THR C 97 6.12 -12.04 -9.17
N THR C 98 6.38 -10.78 -8.82
CA THR C 98 5.65 -10.03 -7.79
C THR C 98 5.77 -10.67 -6.40
N ASN C 99 6.85 -11.39 -6.15
CA ASN C 99 7.12 -11.85 -4.80
C ASN C 99 7.69 -10.70 -3.96
N LYS C 100 7.85 -10.96 -2.68
CA LYS C 100 8.53 -10.03 -1.77
C LYS C 100 9.77 -10.72 -1.24
N VAL C 101 10.90 -10.00 -1.26
CA VAL C 101 12.18 -10.57 -0.88
C VAL C 101 12.59 -10.14 0.51
N HIS C 102 12.29 -8.90 0.90
CA HIS C 102 12.71 -8.36 2.18
C HIS C 102 11.66 -7.36 2.64
N ALA C 103 11.67 -7.06 3.94
CA ALA C 103 10.87 -5.96 4.47
C ALA C 103 11.63 -5.36 5.64
N ILE C 104 12.20 -4.17 5.43
CA ILE C 104 13.05 -3.52 6.41
C ILE C 104 12.20 -2.51 7.17
N PRO C 105 11.98 -2.68 8.48
CA PRO C 105 11.25 -1.66 9.25
C PRO C 105 12.19 -0.57 9.71
N LEU C 106 11.84 0.68 9.43
CA LEU C 106 12.66 1.82 9.77
C LEU C 106 12.34 2.31 11.19
N ARG C 107 13.24 3.14 11.72
CA ARG C 107 13.04 3.69 13.04
C ARG C 107 12.35 5.05 13.03
N SER C 108 12.33 5.74 11.90
CA SER C 108 11.58 6.99 11.74
C SER C 108 10.62 6.82 10.58
N SER C 109 9.38 7.22 10.79
CA SER C 109 8.33 6.90 9.83
C SER C 109 8.25 7.87 8.66
N TRP C 110 8.92 9.01 8.73
CA TRP C 110 8.78 10.02 7.69
C TRP C 110 9.96 9.94 6.73
N VAL C 111 9.91 8.95 5.86
CA VAL C 111 10.97 8.69 4.90
C VAL C 111 10.64 9.42 3.61
N MET C 112 11.67 9.95 2.94
CA MET C 112 11.47 10.75 1.75
C MET C 112 12.37 10.38 0.58
N THR C 113 13.21 9.37 0.71
CA THR C 113 14.08 8.98 -0.38
C THR C 113 14.58 7.56 -0.17
N CYS C 114 15.06 6.95 -1.24
CA CYS C 114 15.70 5.65 -1.16
C CYS C 114 16.61 5.47 -2.36
N ALA C 115 17.59 4.59 -2.21
CA ALA C 115 18.53 4.30 -3.28
C ALA C 115 18.99 2.86 -3.15
N TYR C 116 19.51 2.30 -4.24
CA TYR C 116 19.83 0.88 -4.28
C TYR C 116 21.18 0.76 -4.95
N ALA C 117 22.17 0.23 -4.25
CA ALA C 117 23.56 0.36 -4.65
C ALA C 117 23.85 -0.42 -5.93
N PRO C 118 24.83 0.03 -6.72
CA PRO C 118 25.12 -0.66 -7.98
C PRO C 118 25.57 -2.10 -7.81
N SER C 119 26.34 -2.41 -6.78
CA SER C 119 26.78 -3.78 -6.59
C SER C 119 25.64 -4.68 -6.16
N GLY C 120 24.64 -4.13 -5.50
CA GLY C 120 23.54 -4.92 -4.97
C GLY C 120 23.67 -5.29 -3.51
N ASN C 121 24.62 -4.73 -2.79
CA ASN C 121 24.85 -5.12 -1.41
C ASN C 121 24.10 -4.26 -0.41
N TYR C 122 23.91 -2.97 -0.67
CA TYR C 122 23.34 -2.05 0.29
C TYR C 122 22.12 -1.34 -0.29
N VAL C 123 21.33 -0.73 0.61
CA VAL C 123 20.29 0.22 0.27
C VAL C 123 20.43 1.40 1.21
N ALA C 124 19.79 2.52 0.85
CA ALA C 124 19.84 3.72 1.67
C ALA C 124 18.44 4.34 1.76
N CYS C 125 18.21 5.09 2.84
CA CYS C 125 16.96 5.80 3.01
C CYS C 125 17.18 6.95 4.00
N GLY C 126 16.32 7.96 3.90
CA GLY C 126 16.40 9.10 4.79
C GLY C 126 15.15 9.91 4.68
N GLY C 127 15.03 10.91 5.56
CA GLY C 127 13.83 11.73 5.58
C GLY C 127 13.89 12.92 6.50
N LEU C 128 12.80 13.18 7.23
CA LEU C 128 12.73 14.32 8.13
C LEU C 128 13.58 14.15 9.37
N ASP C 129 14.16 12.98 9.59
CA ASP C 129 15.01 12.77 10.75
C ASP C 129 16.42 13.33 10.58
N ASN C 130 16.77 13.82 9.39
CA ASN C 130 18.06 14.40 9.06
C ASN C 130 19.19 13.38 9.00
N ILE C 131 18.90 12.10 8.98
CA ILE C 131 19.91 11.05 8.99
C ILE C 131 19.78 10.24 7.70
N CYS C 132 20.92 9.87 7.12
CA CYS C 132 20.96 8.93 6.01
C CYS C 132 21.39 7.58 6.54
N SER C 133 20.52 6.58 6.43
CA SER C 133 20.78 5.27 6.98
C SER C 133 21.12 4.28 5.87
N ILE C 134 22.16 3.48 6.11
CA ILE C 134 22.66 2.52 5.14
C ILE C 134 22.45 1.12 5.70
N TYR C 135 21.82 0.26 4.92
CA TYR C 135 21.43 -1.08 5.35
C TYR C 135 22.23 -2.13 4.60
N ASN C 136 22.53 -3.22 5.30
CA ASN C 136 23.34 -4.30 4.77
C ASN C 136 22.45 -5.49 4.44
N LEU C 137 22.53 -5.96 3.20
CA LEU C 137 21.61 -6.98 2.71
C LEU C 137 22.24 -8.37 2.62
N LYS C 138 23.54 -8.51 2.86
CA LYS C 138 24.23 -9.78 2.68
C LYS C 138 25.11 -10.05 3.91
N THR C 139 24.51 -10.65 4.92
CA THR C 139 25.18 -10.95 6.17
C THR C 139 25.12 -12.45 6.44
N ARG C 140 26.01 -12.93 7.30
CA ARG C 140 26.01 -14.35 7.64
C ARG C 140 24.71 -14.75 8.32
N GLU C 141 24.23 -13.95 9.25
CA GLU C 141 22.89 -14.14 9.76
C GLU C 141 21.87 -13.77 8.68
N GLY C 142 20.65 -14.19 8.88
CA GLY C 142 19.68 -14.04 7.81
C GLY C 142 18.94 -12.73 7.76
N ASN C 143 19.27 -11.77 8.60
CA ASN C 143 18.48 -10.55 8.71
C ASN C 143 19.16 -9.41 7.97
N VAL C 144 18.52 -8.26 7.99
CA VAL C 144 19.05 -7.01 7.43
C VAL C 144 19.31 -6.08 8.60
N ARG C 145 20.56 -5.63 8.74
CA ARG C 145 20.98 -4.84 9.88
C ARG C 145 21.47 -3.48 9.43
N VAL C 146 21.28 -2.48 10.29
CA VAL C 146 21.74 -1.13 10.01
C VAL C 146 23.26 -1.12 10.01
N SER C 147 23.86 -0.80 8.87
CA SER C 147 25.32 -0.74 8.81
C SER C 147 25.84 0.55 9.41
N ARG C 148 25.29 1.69 9.03
CA ARG C 148 25.79 2.94 9.54
C ARG C 148 24.76 4.05 9.40
N GLU C 149 24.81 4.99 10.33
CA GLU C 149 24.01 6.21 10.29
C GLU C 149 24.93 7.41 10.13
N LEU C 150 24.66 8.22 9.11
CA LEU C 150 25.46 9.40 8.84
C LEU C 150 24.72 10.64 9.32
N ALA C 151 25.39 11.44 10.14
CA ALA C 151 24.79 12.64 10.71
C ALA C 151 25.68 13.84 10.40
N GLY C 152 25.07 15.02 10.34
CA GLY C 152 25.81 16.21 10.02
C GLY C 152 25.01 17.24 9.25
N HIS C 153 23.90 16.85 8.66
CA HIS C 153 23.03 17.81 8.01
C HIS C 153 22.18 18.50 9.07
N THR C 154 21.69 19.70 8.74
CA THR C 154 20.81 20.46 9.62
C THR C 154 19.45 20.68 9.00
N GLY C 155 18.92 19.65 8.33
CA GLY C 155 17.62 19.74 7.69
C GLY C 155 17.31 18.42 7.06
N TYR C 156 16.11 18.32 6.51
CA TYR C 156 15.65 17.05 5.97
C TYR C 156 16.44 16.66 4.74
N LEU C 157 16.69 15.35 4.59
CA LEU C 157 17.40 14.83 3.45
C LEU C 157 16.38 14.48 2.37
N SER C 158 16.60 14.99 1.16
CA SER C 158 15.63 14.82 0.08
C SER C 158 16.06 13.87 -1.03
N CYS C 159 17.34 13.56 -1.15
CA CYS C 159 17.77 12.58 -2.14
C CYS C 159 19.14 12.03 -1.76
N CYS C 160 19.43 10.82 -2.22
CA CYS C 160 20.72 10.18 -1.97
C CYS C 160 21.01 9.19 -3.09
N ARG C 161 22.26 9.15 -3.53
CA ARG C 161 22.68 8.31 -4.64
C ARG C 161 24.08 7.78 -4.39
N PHE C 162 24.29 6.50 -4.68
CA PHE C 162 25.58 5.85 -4.48
C PHE C 162 26.51 6.12 -5.65
N LEU C 163 27.80 6.25 -5.36
CA LEU C 163 28.82 6.22 -6.41
C LEU C 163 29.44 4.83 -6.51
N ASP C 164 29.96 4.31 -5.41
CA ASP C 164 30.37 2.92 -5.29
C ASP C 164 30.02 2.49 -3.88
N ASP C 165 30.57 1.37 -3.43
CA ASP C 165 30.15 0.84 -2.14
C ASP C 165 30.66 1.67 -0.97
N ASN C 166 31.50 2.66 -1.19
CA ASN C 166 32.10 3.40 -0.10
C ASN C 166 31.84 4.89 -0.12
N GLN C 167 31.17 5.42 -1.14
CA GLN C 167 30.88 6.84 -1.22
C GLN C 167 29.41 7.07 -1.57
N ILE C 168 28.84 8.13 -1.00
CA ILE C 168 27.44 8.48 -1.22
C ILE C 168 27.31 10.00 -1.27
N VAL C 169 26.35 10.49 -2.05
CA VAL C 169 26.07 11.91 -2.23
C VAL C 169 24.66 12.20 -1.76
N THR C 170 24.51 13.25 -0.95
CA THR C 170 23.21 13.61 -0.38
C THR C 170 22.89 15.06 -0.64
N SER C 171 21.59 15.38 -0.57
CA SER C 171 21.09 16.74 -0.71
C SER C 171 20.09 17.01 0.41
N SER C 172 20.11 18.22 0.95
CA SER C 172 19.43 18.50 2.21
C SER C 172 18.44 19.65 2.09
N GLY C 173 17.61 19.77 3.12
CA GLY C 173 16.70 20.89 3.20
C GLY C 173 17.42 22.21 3.35
N ASP C 174 18.44 22.26 4.19
CA ASP C 174 19.34 23.38 4.12
C ASP C 174 20.06 23.35 2.77
N THR C 175 20.67 24.47 2.43
CA THR C 175 21.08 24.70 1.05
C THR C 175 22.22 23.80 0.57
N THR C 176 22.73 22.89 1.39
CA THR C 176 23.98 22.20 1.13
C THR C 176 23.77 20.79 0.57
N CYS C 177 24.70 20.37 -0.29
CA CYS C 177 24.89 18.97 -0.66
C CYS C 177 26.26 18.51 -0.16
N ALA C 178 26.38 17.23 0.18
CA ALA C 178 27.61 16.73 0.78
C ALA C 178 27.95 15.35 0.27
N LEU C 179 29.24 15.00 0.36
CA LEU C 179 29.76 13.71 -0.08
C LEU C 179 30.41 13.01 1.10
N TRP C 180 29.99 11.79 1.37
CA TRP C 180 30.39 11.08 2.57
C TRP C 180 31.32 9.91 2.25
N ASP C 181 32.08 9.53 3.27
CA ASP C 181 32.88 8.30 3.27
C ASP C 181 32.23 7.35 4.25
N ILE C 182 31.89 6.15 3.80
CA ILE C 182 31.02 5.31 4.63
C ILE C 182 31.82 4.60 5.72
N GLU C 183 33.03 4.13 5.44
CA GLU C 183 33.81 3.47 6.48
C GLU C 183 33.99 4.39 7.69
N THR C 184 34.69 5.49 7.50
CA THR C 184 34.79 6.54 8.52
C THR C 184 33.75 7.59 8.18
N GLY C 185 32.69 7.67 8.97
CA GLY C 185 31.56 8.46 8.51
C GLY C 185 31.78 9.93 8.73
N GLN C 186 32.22 10.61 7.66
CA GLN C 186 32.59 12.00 7.69
C GLN C 186 32.29 12.59 6.32
N GLN C 187 32.28 13.91 6.25
CA GLN C 187 32.15 14.61 4.98
C GLN C 187 33.54 14.90 4.43
N THR C 188 33.85 14.37 3.26
CA THR C 188 35.09 14.74 2.61
C THR C 188 34.98 16.11 1.96
N THR C 189 33.82 16.43 1.38
CA THR C 189 33.65 17.67 0.64
C THR C 189 32.25 18.20 0.85
N THR C 190 32.12 19.52 0.95
CA THR C 190 30.83 20.16 1.16
C THR C 190 30.58 21.16 0.03
N PHE C 191 29.42 21.06 -0.61
CA PHE C 191 29.06 21.93 -1.73
C PHE C 191 28.08 22.98 -1.24
N THR C 192 28.43 24.25 -1.39
CA THR C 192 27.61 25.36 -0.93
C THR C 192 27.39 26.33 -2.07
N GLY C 193 26.29 27.05 -2.03
CA GLY C 193 26.02 28.02 -3.07
C GLY C 193 24.58 28.20 -3.44
N HIS C 194 23.72 27.28 -3.04
CA HIS C 194 22.30 27.44 -3.31
C HIS C 194 21.70 28.44 -2.33
N THR C 195 20.46 28.82 -2.59
CA THR C 195 19.73 29.70 -1.70
C THR C 195 18.50 29.07 -1.07
N GLY C 196 17.81 28.18 -1.77
CA GLY C 196 16.65 27.49 -1.24
C GLY C 196 16.91 26.02 -0.99
N ASP C 197 15.83 25.29 -0.76
CA ASP C 197 15.92 23.88 -0.46
C ASP C 197 16.31 23.10 -1.70
N VAL C 198 17.26 22.18 -1.57
CA VAL C 198 17.64 21.31 -2.67
C VAL C 198 16.74 20.08 -2.66
N MET C 199 16.19 19.74 -3.83
CA MET C 199 15.15 18.73 -3.91
C MET C 199 15.47 17.50 -4.72
N SER C 200 16.44 17.55 -5.64
CA SER C 200 16.71 16.41 -6.49
C SER C 200 18.20 16.33 -6.80
N LEU C 201 18.58 15.28 -7.53
CA LEU C 201 19.98 14.91 -7.71
C LEU C 201 20.08 13.87 -8.80
N SER C 202 21.13 13.94 -9.60
CA SER C 202 21.34 12.92 -10.63
C SER C 202 22.81 12.85 -11.01
N LEU C 203 23.37 11.64 -11.01
CA LEU C 203 24.78 11.45 -11.30
C LEU C 203 25.01 11.21 -12.78
N ALA C 204 26.14 11.71 -13.25
CA ALA C 204 26.53 11.46 -14.63
C ALA C 204 26.87 9.99 -14.81
N PRO C 205 26.72 9.46 -16.01
CA PRO C 205 27.05 8.04 -16.23
C PRO C 205 28.48 7.65 -15.90
N ASP C 206 29.45 8.54 -16.06
CA ASP C 206 30.82 8.19 -15.72
C ASP C 206 31.21 8.61 -14.32
N THR C 207 30.31 9.18 -13.55
CA THR C 207 30.51 9.45 -12.13
C THR C 207 31.71 10.37 -11.89
N ARG C 208 31.69 11.52 -12.55
CA ARG C 208 32.61 12.58 -12.24
C ARG C 208 31.94 13.94 -12.08
N LEU C 209 30.63 14.04 -12.33
CA LEU C 209 29.88 15.27 -12.17
C LEU C 209 28.47 14.92 -11.70
N PHE C 210 27.77 15.89 -11.13
CA PHE C 210 26.35 15.70 -10.84
C PHE C 210 25.65 17.04 -10.84
N VAL C 211 24.34 17.01 -11.05
CA VAL C 211 23.52 18.22 -11.09
C VAL C 211 22.46 18.15 -10.01
N SER C 212 22.11 19.30 -9.46
CA SER C 212 21.14 19.41 -8.38
C SER C 212 20.18 20.56 -8.65
N GLY C 213 18.92 20.38 -8.28
CA GLY C 213 17.92 21.40 -8.51
C GLY C 213 17.24 21.87 -7.25
N ALA C 214 17.13 23.18 -7.08
CA ALA C 214 16.71 23.76 -5.80
C ALA C 214 15.40 24.52 -5.96
N CYS C 215 14.99 25.16 -4.88
CA CYS C 215 13.75 25.91 -4.81
C CYS C 215 13.92 27.38 -5.12
N ASP C 216 15.10 27.81 -5.55
CA ASP C 216 15.28 29.16 -6.06
C ASP C 216 15.19 29.21 -7.58
N ALA C 217 14.62 28.18 -8.21
CA ALA C 217 14.46 28.11 -9.66
C ALA C 217 15.81 28.16 -10.38
N SER C 218 16.74 27.30 -9.96
CA SER C 218 18.03 27.21 -10.62
C SER C 218 18.62 25.83 -10.39
N ALA C 219 19.53 25.45 -11.27
CA ALA C 219 20.24 24.18 -11.17
C ALA C 219 21.72 24.42 -11.37
N LYS C 220 22.55 23.55 -10.80
CA LYS C 220 23.99 23.71 -10.83
C LYS C 220 24.67 22.39 -11.17
N LEU C 221 25.80 22.47 -11.86
CA LEU C 221 26.65 21.32 -12.11
C LEU C 221 27.90 21.43 -11.24
N TRP C 222 28.23 20.36 -10.53
CA TRP C 222 29.34 20.33 -9.60
C TRP C 222 30.44 19.40 -10.10
N ASP C 223 31.61 19.50 -9.48
CA ASP C 223 32.73 18.63 -9.76
C ASP C 223 33.09 17.87 -8.50
N VAL C 224 33.01 16.54 -8.55
CA VAL C 224 33.13 15.75 -7.33
C VAL C 224 34.54 15.83 -6.76
N ARG C 225 35.55 15.70 -7.60
CA ARG C 225 36.91 15.61 -7.09
C ARG C 225 37.35 16.92 -6.45
N GLU C 226 36.99 18.05 -7.04
CA GLU C 226 37.46 19.33 -6.52
C GLU C 226 36.52 19.90 -5.46
N GLY C 227 35.27 20.13 -5.82
CA GLY C 227 34.30 20.60 -4.87
C GLY C 227 33.89 22.03 -5.11
N MET C 228 33.98 22.48 -6.34
CA MET C 228 33.62 23.83 -6.73
C MET C 228 32.47 23.80 -7.71
N CYS C 229 31.63 24.82 -7.67
CA CYS C 229 30.50 24.90 -8.57
C CYS C 229 30.97 25.29 -9.96
N ARG C 230 30.50 24.57 -10.97
CA ARG C 230 31.08 24.61 -12.31
C ARG C 230 30.28 25.50 -13.26
N GLN C 231 28.95 25.36 -13.28
CA GLN C 231 28.07 26.21 -14.08
C GLN C 231 26.75 26.37 -13.35
N THR C 232 26.00 27.40 -13.73
CA THR C 232 24.67 27.62 -13.15
C THR C 232 23.66 27.99 -14.23
N PHE C 233 22.54 27.27 -14.25
CA PHE C 233 21.49 27.46 -15.24
C PHE C 233 20.26 28.07 -14.58
N THR C 234 19.47 28.81 -15.36
CA THR C 234 18.36 29.55 -14.77
C THR C 234 17.14 29.55 -15.69
N GLY C 235 15.98 29.62 -15.06
CA GLY C 235 14.70 29.67 -15.76
C GLY C 235 13.58 29.31 -14.80
N HIS C 236 12.52 28.75 -15.35
CA HIS C 236 11.55 27.98 -14.59
C HIS C 236 10.64 28.71 -13.60
N GLU C 237 10.91 29.96 -13.26
CA GLU C 237 9.88 30.78 -12.64
C GLU C 237 9.31 30.26 -11.32
N SER C 238 9.75 29.09 -10.86
CA SER C 238 9.21 28.48 -9.65
C SER C 238 10.12 27.31 -9.26
N ASP C 239 9.66 26.52 -8.30
CA ASP C 239 10.45 25.44 -7.73
C ASP C 239 10.79 24.38 -8.77
N ILE C 240 11.90 23.69 -8.55
CA ILE C 240 12.29 22.52 -9.34
C ILE C 240 12.14 21.29 -8.48
N ASN C 241 11.45 20.27 -8.99
CA ASN C 241 11.12 19.10 -8.20
C ASN C 241 11.84 17.83 -8.65
N ALA C 242 12.35 17.78 -9.88
CA ALA C 242 12.99 16.58 -10.37
C ALA C 242 14.06 16.97 -11.38
N ILE C 243 15.01 16.06 -11.59
CA ILE C 243 16.12 16.32 -12.51
C ILE C 243 16.68 14.98 -12.97
N CYS C 244 17.27 14.96 -14.15
CA CYS C 244 17.75 13.71 -14.75
C CYS C 244 18.73 13.99 -15.88
N PHE C 245 19.78 13.18 -15.98
CA PHE C 245 20.70 13.24 -17.11
C PHE C 245 20.18 12.50 -18.34
N PHE C 246 20.43 13.11 -19.50
CA PHE C 246 20.35 12.43 -20.79
C PHE C 246 21.40 11.32 -20.82
N PRO C 247 21.11 10.22 -21.51
CA PRO C 247 22.07 9.10 -21.51
C PRO C 247 23.44 9.47 -22.03
N ASN C 248 23.52 10.48 -22.89
CA ASN C 248 24.78 10.87 -23.48
C ASN C 248 25.77 11.31 -22.42
N GLY C 249 25.29 12.07 -21.43
CA GLY C 249 26.15 12.73 -20.49
C GLY C 249 26.40 14.19 -20.77
N ASN C 250 25.71 14.79 -21.75
CA ASN C 250 25.91 16.18 -22.11
C ASN C 250 24.62 17.00 -22.06
N ALA C 251 23.59 16.50 -21.41
CA ALA C 251 22.36 17.28 -21.30
C ALA C 251 21.57 16.76 -20.11
N PHE C 252 20.64 17.59 -19.62
CA PHE C 252 19.75 17.15 -18.55
C PHE C 252 18.42 17.89 -18.66
N ALA C 253 17.40 17.28 -18.08
CA ALA C 253 16.03 17.79 -18.17
C ALA C 253 15.44 17.93 -16.79
N THR C 254 14.63 18.96 -16.59
CA THR C 254 14.12 19.32 -15.27
C THR C 254 12.59 19.41 -15.30
N GLY C 255 12.01 19.32 -14.12
CA GLY C 255 10.57 19.46 -13.97
C GLY C 255 10.24 20.38 -12.81
N SER C 256 9.21 21.19 -13.00
CA SER C 256 8.94 22.30 -12.11
C SER C 256 7.49 22.32 -11.66
N ASP C 257 7.16 23.29 -10.83
CA ASP C 257 5.81 23.50 -10.33
C ASP C 257 4.97 24.42 -11.20
N ASP C 258 5.50 24.91 -12.32
CA ASP C 258 4.72 25.69 -13.25
C ASP C 258 4.28 24.89 -14.47
N ALA C 259 4.19 23.58 -14.34
CA ALA C 259 3.68 22.70 -15.38
C ALA C 259 4.52 22.76 -16.65
N THR C 260 5.82 22.97 -16.53
CA THR C 260 6.71 22.92 -17.68
C THR C 260 7.92 22.05 -17.37
N CYS C 261 8.48 21.47 -18.43
CA CYS C 261 9.75 20.77 -18.41
C CYS C 261 10.69 21.48 -19.37
N ARG C 262 11.99 21.39 -19.11
CA ARG C 262 12.96 22.06 -19.94
C ARG C 262 14.17 21.15 -20.14
N LEU C 263 14.92 21.41 -21.20
CA LEU C 263 16.13 20.65 -21.52
C LEU C 263 17.29 21.61 -21.66
N PHE C 264 18.35 21.39 -20.89
CA PHE C 264 19.55 22.20 -20.95
C PHE C 264 20.71 21.37 -21.49
N ASP C 265 21.69 22.05 -22.10
CA ASP C 265 22.88 21.38 -22.58
C ASP C 265 24.14 22.02 -21.98
N LEU C 266 25.08 21.18 -21.59
CA LEU C 266 26.17 21.63 -20.73
C LEU C 266 27.18 22.47 -21.48
N ARG C 267 27.51 22.09 -22.72
CA ARG C 267 28.55 22.80 -23.44
C ARG C 267 28.06 24.14 -23.98
N ALA C 268 26.83 24.20 -24.49
CA ALA C 268 26.31 25.46 -25.00
C ALA C 268 25.88 26.40 -23.89
N ASP C 269 25.61 25.88 -22.69
CA ASP C 269 25.21 26.70 -21.55
C ASP C 269 23.95 27.49 -21.88
N GLN C 270 23.00 26.82 -22.51
CA GLN C 270 21.77 27.44 -23.00
C GLN C 270 20.61 26.60 -22.53
N GLU C 271 19.42 26.93 -23.03
CA GLU C 271 18.23 26.10 -22.91
C GLU C 271 17.73 25.79 -24.31
N LEU C 272 17.27 24.56 -24.52
CA LEU C 272 16.95 24.13 -25.87
C LEU C 272 15.46 24.09 -26.16
N MET C 273 14.68 23.33 -25.39
CA MET C 273 13.26 23.18 -25.68
C MET C 273 12.44 23.23 -24.40
N THR C 274 11.14 23.48 -24.58
CA THR C 274 10.19 23.55 -23.48
C THR C 274 9.00 22.68 -23.79
N TYR C 275 8.61 21.83 -22.85
CA TYR C 275 7.50 20.91 -23.02
C TYR C 275 6.33 21.39 -22.19
N SER C 276 5.31 21.94 -22.83
CA SER C 276 4.18 22.52 -22.13
C SER C 276 2.94 22.42 -22.98
N HIS C 277 1.79 22.43 -22.31
CA HIS C 277 0.50 22.41 -22.97
C HIS C 277 -0.48 23.25 -22.16
N ASP C 278 -1.51 23.74 -22.84
CA ASP C 278 -2.44 24.66 -22.20
C ASP C 278 -3.48 23.96 -21.33
N ASN C 279 -3.67 22.65 -21.50
CA ASN C 279 -4.59 21.92 -20.62
C ASN C 279 -3.97 21.62 -19.27
N ILE C 280 -2.67 21.38 -19.23
CA ILE C 280 -2.00 20.98 -17.99
C ILE C 280 -1.77 22.22 -17.15
N ILE C 281 -2.22 22.18 -15.89
CA ILE C 281 -1.98 23.27 -14.96
C ILE C 281 -1.42 22.80 -13.62
N CYS C 282 -1.10 21.52 -13.48
CA CYS C 282 -0.48 21.01 -12.27
C CYS C 282 1.02 20.83 -12.46
N GLY C 283 1.73 20.66 -11.36
CA GLY C 283 3.17 20.58 -11.42
C GLY C 283 3.70 19.17 -11.60
N ILE C 284 4.93 19.09 -12.08
CA ILE C 284 5.60 17.81 -12.34
C ILE C 284 6.31 17.36 -11.08
N THR C 285 6.29 16.05 -10.82
CA THR C 285 6.94 15.49 -9.64
C THR C 285 8.07 14.53 -9.92
N SER C 286 8.21 14.03 -11.14
CA SER C 286 9.30 13.12 -11.48
C SER C 286 9.57 13.21 -12.96
N VAL C 287 10.83 13.00 -13.33
CA VAL C 287 11.26 13.03 -14.73
C VAL C 287 12.25 11.90 -14.96
N SER C 288 12.10 11.19 -16.08
CA SER C 288 13.03 10.15 -16.46
C SER C 288 13.08 10.02 -17.97
N PHE C 289 14.25 9.67 -18.48
CA PHE C 289 14.47 9.46 -19.91
C PHE C 289 14.34 7.99 -20.26
N SER C 290 14.30 7.72 -21.56
CA SER C 290 14.31 6.34 -22.03
C SER C 290 15.74 5.90 -22.30
N LYS C 291 15.93 4.74 -22.92
CA LYS C 291 17.28 4.23 -23.09
C LYS C 291 18.04 4.93 -24.21
N SER C 292 17.35 5.42 -25.23
CA SER C 292 18.00 6.07 -26.34
C SER C 292 17.90 7.59 -26.30
N GLY C 293 17.04 8.13 -25.46
CA GLY C 293 16.83 9.55 -25.43
C GLY C 293 15.73 10.08 -26.32
N ARG C 294 14.93 9.20 -26.91
CA ARG C 294 13.85 9.65 -27.78
C ARG C 294 12.58 9.97 -27.01
N LEU C 295 12.41 9.43 -25.82
CA LEU C 295 11.19 9.61 -25.05
C LEU C 295 11.54 10.22 -23.69
N LEU C 296 10.76 11.22 -23.29
CA LEU C 296 10.86 11.84 -21.98
C LEU C 296 9.58 11.55 -21.22
N LEU C 297 9.70 10.89 -20.07
CA LEU C 297 8.55 10.51 -19.28
C LEU C 297 8.47 11.40 -18.05
N ALA C 298 7.27 11.88 -17.74
CA ALA C 298 7.07 12.83 -16.65
C ALA C 298 5.81 12.49 -15.89
N GLY C 299 5.85 12.65 -14.58
CA GLY C 299 4.68 12.48 -13.73
C GLY C 299 4.06 13.82 -13.40
N TYR C 300 2.79 13.79 -13.00
CA TYR C 300 2.03 15.00 -12.74
C TYR C 300 1.17 14.81 -11.51
N ASP C 301 0.60 15.91 -11.02
CA ASP C 301 -0.28 15.89 -9.86
C ASP C 301 -1.74 15.62 -10.21
N ASP C 302 -2.09 15.60 -11.50
CA ASP C 302 -3.45 15.32 -11.92
C ASP C 302 -3.68 13.85 -12.18
N PHE C 303 -2.92 12.99 -11.50
CA PHE C 303 -3.10 11.56 -11.37
C PHE C 303 -2.51 10.79 -12.55
N ASN C 304 -1.97 11.46 -13.57
CA ASN C 304 -1.59 10.81 -14.81
C ASN C 304 -0.14 11.12 -15.14
N CYS C 305 0.44 10.24 -15.94
CA CYS C 305 1.82 10.36 -16.39
C CYS C 305 1.84 10.51 -17.91
N ASN C 306 2.57 11.49 -18.40
CA ASN C 306 2.62 11.77 -19.82
C ASN C 306 3.94 11.31 -20.42
N VAL C 307 3.92 11.02 -21.71
CA VAL C 307 5.11 10.62 -22.47
C VAL C 307 5.33 11.66 -23.55
N TRP C 308 6.50 12.27 -23.55
CA TRP C 308 6.82 13.33 -24.49
C TRP C 308 7.88 12.86 -25.47
N ASP C 309 7.91 13.50 -26.63
CA ASP C 309 8.91 13.23 -27.65
C ASP C 309 10.02 14.27 -27.51
N ALA C 310 11.21 13.81 -27.14
CA ALA C 310 12.26 14.70 -26.67
C ALA C 310 12.78 15.64 -27.74
N LEU C 311 12.60 15.31 -29.01
CA LEU C 311 13.18 16.12 -30.08
C LEU C 311 12.17 17.04 -30.75
N LYS C 312 10.88 16.78 -30.64
CA LYS C 312 9.87 17.57 -31.33
C LYS C 312 8.88 18.27 -30.41
N ALA C 313 8.83 17.93 -29.12
CA ALA C 313 7.94 18.56 -28.15
C ALA C 313 6.47 18.39 -28.54
N ASP C 314 6.05 17.16 -28.73
CA ASP C 314 4.66 16.79 -28.95
C ASP C 314 4.35 15.58 -28.10
N ARG C 315 3.19 15.56 -27.45
CA ARG C 315 2.87 14.39 -26.66
C ARG C 315 2.67 13.18 -27.56
N ALA C 316 3.22 12.05 -27.14
CA ALA C 316 3.09 10.80 -27.87
C ALA C 316 2.20 9.80 -27.19
N GLY C 317 2.00 9.91 -25.88
CA GLY C 317 1.15 8.94 -25.21
C GLY C 317 0.84 9.37 -23.80
N VAL C 318 -0.04 8.60 -23.16
CA VAL C 318 -0.49 8.84 -21.81
C VAL C 318 -0.53 7.51 -21.07
N LEU C 319 -0.17 7.53 -19.80
CA LEU C 319 -0.28 6.38 -18.92
C LEU C 319 -1.24 6.78 -17.80
N ALA C 320 -2.48 6.36 -17.90
CA ALA C 320 -3.51 6.76 -16.94
C ALA C 320 -4.03 5.53 -16.22
N GLY C 321 -3.57 5.31 -14.99
CA GLY C 321 -4.06 4.19 -14.24
C GLY C 321 -4.11 4.37 -12.74
N HIS C 322 -3.89 5.57 -12.25
CA HIS C 322 -3.73 5.81 -10.83
C HIS C 322 -4.89 6.63 -10.30
N ASP C 323 -5.09 6.57 -8.98
CA ASP C 323 -6.19 7.27 -8.33
C ASP C 323 -5.72 8.38 -7.39
N ASN C 324 -4.44 8.73 -7.42
CA ASN C 324 -3.90 9.86 -6.67
C ASN C 324 -2.65 10.33 -7.40
N ARG C 325 -1.91 11.25 -6.81
CA ARG C 325 -0.80 11.85 -7.54
C ARG C 325 0.35 10.86 -7.68
N VAL C 326 1.05 10.96 -8.80
CA VAL C 326 2.17 10.09 -9.10
C VAL C 326 3.43 10.73 -8.55
N SER C 327 4.12 10.03 -7.66
CA SER C 327 5.23 10.60 -6.92
C SER C 327 6.59 10.15 -7.39
N CYS C 328 6.71 8.97 -8.00
CA CYS C 328 8.01 8.46 -8.39
C CYS C 328 7.90 7.77 -9.75
N LEU C 329 9.03 7.64 -10.43
CA LEU C 329 9.05 7.13 -11.79
C LEU C 329 10.47 6.70 -12.11
N GLY C 330 10.61 5.55 -12.75
CA GLY C 330 11.95 5.05 -13.06
C GLY C 330 11.99 4.08 -14.22
N VAL C 331 13.01 4.20 -15.07
CA VAL C 331 13.17 3.37 -16.25
C VAL C 331 14.36 2.45 -16.04
N THR C 332 14.18 1.18 -16.41
CA THR C 332 15.19 0.17 -16.14
C THR C 332 16.40 0.37 -17.03
N ASP C 333 17.50 -0.30 -16.67
CA ASP C 333 18.77 -0.05 -17.37
C ASP C 333 18.78 -0.66 -18.76
N ASP C 334 18.01 -1.71 -19.00
CA ASP C 334 17.96 -2.34 -20.31
C ASP C 334 16.74 -1.92 -21.11
N GLY C 335 15.94 -0.99 -20.60
CA GLY C 335 14.90 -0.37 -21.39
C GLY C 335 13.63 -1.17 -21.60
N MET C 336 13.47 -2.29 -20.91
CA MET C 336 12.29 -3.12 -21.14
C MET C 336 11.05 -2.52 -20.48
N ALA C 337 11.20 -1.96 -19.28
CA ALA C 337 10.03 -1.62 -18.47
C ALA C 337 10.18 -0.24 -17.87
N VAL C 338 9.05 0.31 -17.44
CA VAL C 338 9.00 1.55 -16.67
C VAL C 338 8.03 1.35 -15.51
N ALA C 339 8.42 1.80 -14.33
CA ALA C 339 7.62 1.64 -13.12
C ALA C 339 7.19 2.99 -12.60
N THR C 340 6.04 3.03 -11.93
CA THR C 340 5.53 4.26 -11.36
C THR C 340 4.82 3.96 -10.06
N GLY C 341 4.95 4.87 -9.10
CA GLY C 341 4.32 4.71 -7.81
C GLY C 341 3.53 5.96 -7.45
N SER C 342 2.46 5.76 -6.70
CA SER C 342 1.50 6.82 -6.45
C SER C 342 1.14 6.88 -4.98
N TRP C 343 0.33 7.86 -4.63
CA TRP C 343 -0.15 8.06 -3.28
C TRP C 343 -1.32 7.16 -2.93
N ASP C 344 -1.75 6.30 -3.84
CA ASP C 344 -2.74 5.28 -3.53
C ASP C 344 -2.10 3.99 -3.06
N SER C 345 -0.79 3.98 -2.90
CA SER C 345 -0.04 2.87 -2.31
C SER C 345 0.05 1.67 -3.24
N PHE C 346 0.19 1.90 -4.54
CA PHE C 346 0.40 0.84 -5.51
C PHE C 346 1.54 1.22 -6.44
N LEU C 347 2.28 0.20 -6.88
CA LEU C 347 3.21 0.34 -7.98
C LEU C 347 2.68 -0.42 -9.18
N LYS C 348 2.98 0.09 -10.36
CA LYS C 348 2.51 -0.51 -11.61
C LYS C 348 3.67 -0.60 -12.59
N ILE C 349 3.89 -1.78 -13.14
CA ILE C 349 4.96 -2.02 -14.10
C ILE C 349 4.37 -1.96 -15.49
N TRP C 350 4.83 -1.02 -16.29
CA TRP C 350 4.27 -0.79 -17.62
C TRP C 350 5.20 -1.36 -18.69
N ASN C 351 4.65 -1.54 -19.87
CA ASN C 351 5.42 -2.05 -20.99
C ASN C 351 4.73 -1.77 -22.32
N ARG D 9 32.19 38.98 -1.57
CA ARG D 9 33.44 38.87 -2.31
C ARG D 9 33.54 37.51 -2.97
N LYS D 10 32.84 36.53 -2.39
CA LYS D 10 32.86 35.19 -2.95
C LYS D 10 32.00 35.06 -4.20
N LEU D 11 30.88 35.77 -4.26
CA LEU D 11 30.00 35.68 -5.43
C LEU D 11 30.72 36.19 -6.67
N VAL D 12 31.46 37.28 -6.54
CA VAL D 12 32.18 37.83 -7.68
C VAL D 12 33.20 36.84 -8.20
N GLU D 13 33.96 36.22 -7.29
CA GLU D 13 34.96 35.25 -7.71
C GLU D 13 34.31 34.05 -8.39
N GLN D 14 33.21 33.56 -7.82
CA GLN D 14 32.54 32.41 -8.42
C GLN D 14 32.03 32.74 -9.81
N LEU D 15 31.43 33.92 -9.97
CA LEU D 15 30.91 34.31 -11.28
C LEU D 15 32.04 34.47 -12.28
N LYS D 16 33.15 35.08 -11.86
CA LYS D 16 34.28 35.25 -12.76
C LYS D 16 34.82 33.91 -13.23
N MET D 17 34.95 32.96 -12.32
CA MET D 17 35.34 31.62 -12.75
C MET D 17 34.29 30.99 -13.65
N GLU D 18 33.03 31.37 -13.46
CA GLU D 18 31.96 30.80 -14.27
C GLU D 18 31.81 31.44 -15.63
N ALA D 19 32.53 32.54 -15.90
CA ALA D 19 32.40 33.19 -17.19
C ALA D 19 33.33 32.59 -18.24
N ASN D 20 34.63 32.57 -17.98
CA ASN D 20 35.63 32.33 -19.02
C ASN D 20 35.79 30.84 -19.29
N ILE D 21 34.75 30.27 -19.91
CA ILE D 21 34.78 28.88 -20.37
C ILE D 21 34.41 28.85 -21.84
N ASP D 22 34.52 27.67 -22.44
CA ASP D 22 34.37 27.50 -23.87
C ASP D 22 32.97 27.02 -24.22
N ARG D 23 32.34 27.69 -25.18
CA ARG D 23 31.02 27.32 -25.67
C ARG D 23 31.11 26.85 -27.11
N ILE D 24 30.13 26.07 -27.51
CA ILE D 24 29.95 25.70 -28.91
C ILE D 24 28.60 26.24 -29.38
N LYS D 25 28.40 26.24 -30.69
CA LYS D 25 27.17 26.76 -31.25
C LYS D 25 26.02 25.78 -31.04
N VAL D 26 24.81 26.33 -30.94
CA VAL D 26 23.66 25.52 -30.56
C VAL D 26 23.36 24.47 -31.62
N SER D 27 23.57 24.80 -32.90
CA SER D 27 23.31 23.82 -33.94
C SER D 27 24.18 22.59 -33.79
N LYS D 28 25.43 22.76 -33.33
CA LYS D 28 26.28 21.61 -33.09
C LYS D 28 25.70 20.70 -32.01
N ALA D 29 25.21 21.30 -30.92
CA ALA D 29 24.62 20.50 -29.85
C ALA D 29 23.37 19.79 -30.32
N ALA D 30 22.52 20.48 -31.09
CA ALA D 30 21.32 19.85 -31.61
C ALA D 30 21.65 18.67 -32.52
N ALA D 31 22.64 18.86 -33.39
CA ALA D 31 23.04 17.76 -34.26
C ALA D 31 23.56 16.59 -33.47
N ASP D 32 24.35 16.85 -32.43
CA ASP D 32 24.89 15.75 -31.63
C ASP D 32 23.78 14.98 -30.94
N LEU D 33 22.81 15.67 -30.36
CA LEU D 33 21.73 14.97 -29.68
C LEU D 33 20.91 14.13 -30.67
N MET D 34 20.61 14.71 -31.83
CA MET D 34 19.84 13.95 -32.83
C MET D 34 20.64 12.74 -33.32
N ALA D 35 21.94 12.91 -33.52
CA ALA D 35 22.77 11.80 -33.96
C ALA D 35 22.76 10.68 -32.95
N TYR D 36 22.90 11.00 -31.67
CA TYR D 36 22.85 9.96 -30.64
C TYR D 36 21.50 9.27 -30.64
N CYS D 37 20.41 10.03 -30.78
CA CYS D 37 19.11 9.39 -30.76
C CYS D 37 18.92 8.46 -31.95
N GLU D 38 19.49 8.80 -33.10
CA GLU D 38 19.34 7.96 -34.27
C GLU D 38 20.24 6.73 -34.22
N ALA D 39 21.44 6.84 -33.64
CA ALA D 39 22.37 5.72 -33.65
C ALA D 39 21.84 4.55 -32.83
N HIS D 40 21.35 4.81 -31.63
CA HIS D 40 20.83 3.75 -30.75
C HIS D 40 19.32 3.59 -30.88
N ALA D 41 18.79 3.43 -32.08
CA ALA D 41 17.35 3.36 -32.25
C ALA D 41 16.81 1.94 -32.23
N LYS D 42 17.63 0.96 -32.62
CA LYS D 42 17.15 -0.41 -32.68
C LYS D 42 17.07 -1.07 -31.31
N GLU D 43 17.95 -0.68 -30.39
CA GLU D 43 17.97 -1.26 -29.05
C GLU D 43 17.17 -0.43 -28.04
N ASP D 44 15.91 -0.14 -28.37
CA ASP D 44 15.05 0.66 -27.50
C ASP D 44 13.66 0.05 -27.48
N PRO D 45 13.37 -0.80 -26.49
CA PRO D 45 12.09 -1.52 -26.50
C PRO D 45 10.84 -0.66 -26.44
N LEU D 46 10.87 0.49 -25.77
CA LEU D 46 9.65 1.26 -25.62
C LEU D 46 9.23 1.96 -26.91
N LEU D 47 10.18 2.34 -27.76
CA LEU D 47 9.81 2.83 -29.08
C LEU D 47 9.31 1.69 -29.96
N THR D 48 10.18 0.72 -30.23
CA THR D 48 9.86 -0.40 -31.08
C THR D 48 9.52 -1.59 -30.20
N PRO D 49 8.25 -1.95 -30.05
CA PRO D 49 7.90 -3.03 -29.14
C PRO D 49 8.53 -4.35 -29.57
N VAL D 50 9.19 -5.00 -28.61
CA VAL D 50 9.80 -6.31 -28.80
C VAL D 50 8.68 -7.31 -29.05
N PRO D 51 8.88 -8.33 -29.88
CA PRO D 51 7.82 -9.32 -30.09
C PRO D 51 7.42 -9.98 -28.79
N ALA D 52 6.13 -10.35 -28.71
CA ALA D 52 5.59 -10.82 -27.44
C ALA D 52 5.97 -12.27 -27.18
N SER D 53 7.26 -12.56 -27.34
CA SER D 53 7.85 -13.81 -26.86
C SER D 53 9.21 -13.58 -26.25
N GLU D 54 9.77 -12.37 -26.32
CA GLU D 54 11.07 -12.06 -25.75
C GLU D 54 11.00 -11.15 -24.53
N ASN D 55 9.88 -10.46 -24.31
CA ASN D 55 9.85 -9.68 -23.09
C ASN D 55 9.50 -10.56 -21.90
N PRO D 56 10.03 -10.24 -20.71
CA PRO D 56 9.76 -11.07 -19.53
C PRO D 56 8.47 -10.73 -18.82
N PHE D 57 7.70 -9.76 -19.31
CA PHE D 57 6.41 -9.40 -18.72
C PHE D 57 5.25 -9.87 -19.58
N ARG D 58 5.44 -10.97 -20.31
CA ARG D 58 4.43 -11.47 -21.25
C ARG D 58 3.12 -11.82 -20.54
N VAL E 39 28.50 -18.22 12.99
CA VAL E 39 27.33 -19.03 13.17
C VAL E 39 27.76 -20.40 13.54
N GLN E 40 27.03 -21.10 14.39
CA GLN E 40 27.38 -22.46 14.69
C GLN E 40 26.18 -23.29 15.06
N LEU E 41 26.12 -24.55 14.66
CA LEU E 41 25.04 -25.42 14.98
C LEU E 41 25.70 -26.55 15.64
N VAL E 42 25.31 -26.92 16.83
CA VAL E 42 25.93 -28.03 17.54
C VAL E 42 24.83 -28.95 17.92
N GLU E 43 24.89 -30.22 17.58
CA GLU E 43 23.75 -31.07 17.86
C GLU E 43 24.12 -32.34 18.50
N SER E 44 23.23 -32.89 19.31
CA SER E 44 23.51 -34.13 20.02
C SER E 44 22.32 -35.06 20.27
N GLY E 45 22.63 -36.33 20.47
CA GLY E 45 21.72 -37.46 20.70
C GLY E 45 22.43 -38.73 20.22
N GLY E 46 21.91 -39.90 20.48
CA GLY E 46 22.57 -41.10 19.98
C GLY E 46 23.67 -41.79 20.76
N GLY E 47 23.79 -43.08 20.50
CA GLY E 47 24.74 -44.00 21.12
C GLY E 47 24.29 -45.42 20.81
N LEU E 48 24.83 -46.46 21.43
CA LEU E 48 24.38 -47.80 21.10
C LEU E 48 22.98 -47.94 21.50
N VAL E 49 22.15 -48.57 20.70
CA VAL E 49 20.79 -48.73 21.10
C VAL E 49 20.23 -49.98 20.50
N GLN E 50 19.27 -50.61 21.15
CA GLN E 50 18.75 -51.85 20.69
C GLN E 50 17.86 -51.84 19.51
N PRO E 51 17.86 -52.91 18.71
CA PRO E 51 16.91 -52.86 17.58
C PRO E 51 15.47 -52.85 18.03
N GLY E 52 14.63 -52.17 17.25
CA GLY E 52 13.22 -52.07 17.51
C GLY E 52 12.83 -50.92 18.42
N GLY E 53 13.79 -50.24 19.02
CA GLY E 53 13.50 -49.16 19.95
C GLY E 53 13.15 -47.87 19.25
N SER E 54 13.47 -46.76 19.92
CA SER E 54 13.22 -45.44 19.37
C SER E 54 14.10 -44.44 20.10
N ARG E 55 14.44 -43.35 19.41
CA ARG E 55 15.29 -42.32 19.99
C ARG E 55 14.89 -40.97 19.41
N LYS E 56 15.35 -39.89 20.05
CA LYS E 56 15.05 -38.53 19.63
C LYS E 56 16.35 -37.75 19.49
N LEU E 57 16.51 -37.05 18.36
CA LEU E 57 17.69 -36.27 18.07
C LEU E 57 17.35 -34.79 18.10
N SER E 58 18.31 -33.97 18.54
CA SER E 58 18.11 -32.53 18.67
C SER E 58 19.32 -31.79 18.13
N CYS E 59 19.08 -30.60 17.57
CA CYS E 59 20.13 -29.75 17.01
C CYS E 59 19.95 -28.35 17.57
N SER E 60 20.97 -27.86 18.28
CA SER E 60 20.93 -26.55 18.91
C SER E 60 21.59 -25.52 18.02
N ALA E 61 20.92 -24.39 17.81
CA ALA E 61 21.38 -23.37 16.88
C ALA E 61 21.65 -22.07 17.63
N SER E 62 22.66 -21.34 17.18
CA SER E 62 23.00 -20.06 17.78
C SER E 62 23.78 -19.24 16.78
N GLY E 63 23.72 -17.93 16.95
CA GLY E 63 24.49 -17.03 16.14
C GLY E 63 23.82 -16.54 14.88
N PHE E 64 22.59 -16.95 14.61
CA PHE E 64 21.88 -16.44 13.45
C PHE E 64 20.39 -16.47 13.72
N ALA E 65 19.63 -15.85 12.82
CA ALA E 65 18.18 -15.78 12.92
C ALA E 65 17.58 -17.11 12.47
N PHE E 66 17.38 -18.01 13.44
CA PHE E 66 16.94 -19.37 13.13
C PHE E 66 15.56 -19.37 12.50
N SER E 67 14.70 -18.44 12.87
CA SER E 67 13.30 -18.53 12.52
C SER E 67 13.02 -18.26 11.05
N SER E 68 13.98 -17.75 10.29
CA SER E 68 13.76 -17.45 8.88
C SER E 68 14.58 -18.34 7.94
N PHE E 69 14.91 -19.55 8.39
CA PHE E 69 15.66 -20.51 7.61
C PHE E 69 14.92 -21.83 7.57
N GLY E 70 15.10 -22.57 6.48
CA GLY E 70 14.69 -23.95 6.43
C GLY E 70 15.77 -24.86 6.98
N MET E 71 15.38 -26.05 7.41
CA MET E 71 16.32 -26.98 8.03
C MET E 71 16.20 -28.34 7.35
N HIS E 72 17.34 -29.00 7.17
CA HIS E 72 17.41 -30.33 6.60
C HIS E 72 18.13 -31.26 7.55
N TRP E 73 17.93 -32.56 7.34
CA TRP E 73 18.71 -33.61 7.98
C TRP E 73 19.32 -34.46 6.88
N VAL E 74 20.62 -34.70 6.96
CA VAL E 74 21.36 -35.44 5.93
C VAL E 74 22.23 -36.47 6.64
N ARG E 75 22.27 -37.70 6.11
CA ARG E 75 22.98 -38.78 6.77
C ARG E 75 23.93 -39.48 5.81
N GLN E 76 24.89 -40.21 6.38
CA GLN E 76 25.77 -41.04 5.58
C GLN E 76 26.24 -42.25 6.37
N ALA E 77 26.33 -43.38 5.68
CA ALA E 77 26.73 -44.66 6.26
C ALA E 77 28.22 -44.67 6.60
N PRO E 78 28.70 -45.66 7.35
CA PRO E 78 30.08 -45.60 7.84
C PRO E 78 31.15 -45.55 6.76
N GLU E 79 30.89 -45.95 5.53
CA GLU E 79 31.88 -45.71 4.49
C GLU E 79 31.28 -45.33 3.15
N LYS E 80 29.97 -45.14 3.07
CA LYS E 80 29.30 -44.82 1.83
C LYS E 80 28.96 -43.33 1.79
N GLY E 81 28.22 -42.92 0.77
CA GLY E 81 27.94 -41.52 0.52
C GLY E 81 26.74 -41.00 1.29
N LEU E 82 26.33 -39.79 0.93
CA LEU E 82 25.27 -39.08 1.62
C LEU E 82 23.91 -39.42 1.04
N GLU E 83 22.88 -39.32 1.89
CA GLU E 83 21.49 -39.48 1.48
C GLU E 83 20.63 -38.55 2.31
N TRP E 84 19.58 -38.02 1.68
CA TRP E 84 18.73 -37.01 2.29
C TRP E 84 17.66 -37.65 3.17
N VAL E 85 17.26 -36.95 4.23
CA VAL E 85 16.34 -37.53 5.20
C VAL E 85 15.03 -36.77 5.32
N ALA E 86 15.07 -35.48 5.62
CA ALA E 86 13.85 -34.71 5.83
C ALA E 86 14.08 -33.25 5.51
N TYR E 87 13.02 -32.46 5.63
CA TYR E 87 13.10 -31.02 5.40
C TYR E 87 11.90 -30.36 6.06
N ILE E 88 12.15 -29.31 6.84
CA ILE E 88 11.10 -28.52 7.48
C ILE E 88 11.34 -27.05 7.18
N SER E 89 10.31 -26.34 6.75
CA SER E 89 10.45 -24.98 6.28
C SER E 89 10.09 -23.98 7.36
N SER E 90 10.41 -22.71 7.10
CA SER E 90 10.07 -21.64 8.00
C SER E 90 8.55 -21.46 8.06
N GLY E 91 8.01 -21.39 9.26
CA GLY E 91 6.58 -21.42 9.45
C GLY E 91 5.98 -22.80 9.61
N SER E 92 6.77 -23.85 9.48
CA SER E 92 6.37 -25.23 9.71
C SER E 92 5.20 -25.65 8.84
N GLY E 93 4.97 -24.95 7.74
CA GLY E 93 3.88 -25.26 6.85
C GLY E 93 4.22 -26.19 5.69
N THR E 94 5.40 -26.79 5.69
CA THR E 94 5.79 -27.68 4.61
C THR E 94 6.82 -28.67 5.13
N ILE E 95 6.56 -29.96 4.96
CA ILE E 95 7.41 -31.02 5.47
C ILE E 95 7.54 -32.09 4.40
N TYR E 96 8.72 -32.67 4.27
CA TYR E 96 8.95 -33.75 3.33
C TYR E 96 9.77 -34.84 3.99
N TYR E 97 9.62 -36.06 3.50
CA TYR E 97 10.37 -37.19 4.01
C TYR E 97 10.87 -38.02 2.85
N ALA E 98 11.91 -38.81 3.11
CA ALA E 98 12.44 -39.71 2.11
C ALA E 98 11.52 -40.91 1.95
N ASP E 99 11.86 -41.80 1.02
CA ASP E 99 11.03 -42.98 0.80
C ASP E 99 11.24 -44.02 1.89
N THR E 100 12.47 -44.16 2.40
CA THR E 100 12.76 -45.22 3.35
C THR E 100 12.41 -44.87 4.78
N VAL E 101 11.89 -43.67 5.04
CA VAL E 101 11.50 -43.30 6.39
C VAL E 101 10.11 -42.67 6.42
N LYS E 102 9.25 -43.05 5.47
CA LYS E 102 8.06 -42.25 5.19
C LYS E 102 7.11 -42.17 6.37
N GLY E 103 7.15 -43.13 7.28
CA GLY E 103 6.22 -43.14 8.39
C GLY E 103 6.86 -43.33 9.75
N ARG E 104 8.09 -43.82 9.77
CA ARG E 104 8.76 -44.06 11.04
C ARG E 104 9.29 -42.78 11.66
N PHE E 105 9.72 -41.81 10.86
CA PHE E 105 10.37 -40.61 11.35
C PHE E 105 9.36 -39.46 11.46
N THR E 106 9.75 -38.43 12.21
CA THR E 106 8.94 -37.23 12.33
C THR E 106 9.83 -36.05 12.70
N ILE E 107 9.63 -34.92 12.02
CA ILE E 107 10.47 -33.74 12.16
C ILE E 107 9.66 -32.60 12.74
N SER E 108 10.30 -31.77 13.55
CA SER E 108 9.63 -30.63 14.17
C SER E 108 10.66 -29.62 14.60
N ARG E 109 10.20 -28.41 14.91
CA ARG E 109 11.09 -27.33 15.34
C ARG E 109 10.44 -26.54 16.46
N ASP E 110 11.28 -25.78 17.17
CA ASP E 110 10.87 -24.96 18.32
C ASP E 110 11.55 -23.60 18.22
N ASP E 111 10.88 -22.63 17.60
CA ASP E 111 11.53 -21.36 17.30
C ASP E 111 11.99 -20.57 18.51
N PRO E 112 11.15 -20.25 19.50
CA PRO E 112 11.64 -19.41 20.60
C PRO E 112 12.71 -20.07 21.43
N LYS E 113 12.69 -21.39 21.57
CA LYS E 113 13.77 -22.08 22.24
C LYS E 113 14.96 -22.31 21.31
N ASN E 114 14.78 -22.15 20.00
CA ASN E 114 15.85 -22.20 19.01
C ASN E 114 16.50 -23.58 18.93
N THR E 115 15.69 -24.58 18.59
CA THR E 115 16.15 -25.97 18.56
C THR E 115 15.36 -26.76 17.52
N LEU E 116 16.01 -27.74 16.90
CA LEU E 116 15.43 -28.59 15.87
C LEU E 116 15.45 -30.04 16.34
N PHE E 117 14.39 -30.79 16.04
CA PHE E 117 14.22 -32.15 16.52
C PHE E 117 13.98 -33.11 15.36
N LEU E 118 14.31 -34.39 15.59
CA LEU E 118 13.97 -35.49 14.69
C LEU E 118 13.59 -36.69 15.52
N GLN E 119 12.35 -37.13 15.41
CA GLN E 119 11.83 -38.22 16.23
C GLN E 119 11.81 -39.51 15.44
N MET E 120 12.56 -40.51 15.90
CA MET E 120 12.68 -41.78 15.21
C MET E 120 11.93 -42.86 15.96
N THR E 121 11.26 -43.73 15.21
CA THR E 121 10.53 -44.85 15.78
C THR E 121 10.82 -46.10 14.97
N SER E 122 10.93 -47.24 15.66
CA SER E 122 11.11 -48.54 15.03
C SER E 122 12.39 -48.57 14.20
N LEU E 123 13.52 -48.45 14.88
CA LEU E 123 14.81 -48.33 14.22
C LEU E 123 15.32 -49.69 13.79
N ARG E 124 15.46 -49.90 12.48
CA ARG E 124 16.05 -51.12 11.95
C ARG E 124 17.57 -51.03 12.02
N SER E 125 18.26 -51.95 11.35
CA SER E 125 19.71 -51.99 11.34
C SER E 125 20.34 -51.30 10.15
N GLU E 126 19.53 -50.83 9.21
CA GLU E 126 20.04 -50.08 8.07
C GLU E 126 20.10 -48.60 8.36
N ASP E 127 19.83 -48.20 9.60
CA ASP E 127 19.83 -46.80 10.00
C ASP E 127 21.11 -46.39 10.70
N THR E 128 22.09 -47.27 10.79
CA THR E 128 23.39 -46.91 11.37
C THR E 128 24.10 -45.94 10.43
N ALA E 129 24.29 -44.71 10.88
CA ALA E 129 24.85 -43.65 10.05
C ALA E 129 25.24 -42.50 10.97
N MET E 130 25.69 -41.41 10.36
CA MET E 130 26.01 -40.19 11.07
C MET E 130 25.13 -39.08 10.50
N TYR E 131 24.40 -38.39 11.37
CA TYR E 131 23.36 -37.47 10.95
C TYR E 131 23.85 -36.03 11.04
N TYR E 132 23.43 -35.20 10.07
CA TYR E 132 23.90 -33.83 9.97
C TYR E 132 22.74 -32.86 10.03
N CYS E 133 23.05 -31.60 10.36
CA CYS E 133 22.08 -30.54 10.54
C CYS E 133 22.49 -29.41 9.60
N VAL E 134 21.69 -29.18 8.57
CA VAL E 134 22.05 -28.24 7.52
C VAL E 134 21.03 -27.12 7.47
N ARG E 135 21.48 -25.95 7.04
CA ARG E 135 20.71 -24.73 7.07
C ARG E 135 20.47 -24.26 5.64
N SER E 136 19.26 -23.79 5.34
CA SER E 136 18.93 -23.41 3.98
C SER E 136 17.88 -22.31 3.95
N ILE E 137 18.07 -21.33 3.08
CA ILE E 137 17.14 -20.23 2.88
C ILE E 137 16.84 -20.11 1.39
N TYR E 138 15.65 -19.62 1.05
CA TYR E 138 15.22 -19.59 -0.34
C TYR E 138 14.60 -18.24 -0.66
N TYR E 139 15.31 -17.44 -1.44
CA TYR E 139 14.76 -16.26 -2.10
C TYR E 139 15.62 -15.99 -3.32
N TYR E 140 15.20 -15.03 -4.13
CA TYR E 140 15.89 -14.77 -5.38
C TYR E 140 17.34 -14.41 -5.13
N GLY E 141 18.25 -15.23 -5.64
CA GLY E 141 19.66 -14.99 -5.50
C GLY E 141 20.31 -15.55 -4.26
N SER E 142 19.60 -16.31 -3.44
CA SER E 142 20.14 -16.82 -2.20
C SER E 142 21.06 -18.00 -2.48
N SER E 143 21.58 -18.60 -1.40
CA SER E 143 22.52 -19.72 -1.50
C SER E 143 22.15 -20.79 -0.49
N PRO E 144 21.39 -21.79 -0.90
CA PRO E 144 21.01 -22.85 0.03
C PRO E 144 22.18 -23.74 0.43
N PHE E 145 21.97 -24.47 1.52
CA PHE E 145 22.88 -25.50 1.99
C PHE E 145 24.26 -24.95 2.36
N ASP E 146 24.30 -23.75 2.93
CA ASP E 146 25.58 -23.07 3.08
C ASP E 146 26.31 -23.37 4.37
N PHE E 147 25.63 -23.85 5.40
CA PHE E 147 26.31 -24.19 6.66
C PHE E 147 25.92 -25.58 7.10
N TRP E 148 26.91 -26.36 7.52
CA TRP E 148 26.70 -27.73 7.95
C TRP E 148 27.22 -27.89 9.37
N GLY E 149 26.49 -28.63 10.19
CA GLY E 149 26.86 -28.82 11.55
C GLY E 149 27.61 -30.14 11.63
N GLN E 150 28.12 -30.49 12.79
CA GLN E 150 29.20 -31.44 13.00
C GLN E 150 28.77 -32.90 12.92
N GLY E 151 27.64 -33.25 13.52
CA GLY E 151 27.14 -34.59 13.36
C GLY E 151 27.13 -35.41 14.64
N THR E 152 26.13 -36.26 14.78
CA THR E 152 26.01 -37.17 15.91
C THR E 152 25.98 -38.60 15.39
N THR E 153 26.88 -39.43 15.89
CA THR E 153 26.91 -40.81 15.45
C THR E 153 25.78 -41.60 16.08
N LEU E 154 25.27 -42.58 15.34
CA LEU E 154 24.17 -43.42 15.79
C LEU E 154 24.40 -44.82 15.24
N THR E 155 24.70 -45.76 16.12
CA THR E 155 24.95 -47.14 15.74
C THR E 155 23.86 -48.03 16.32
N VAL E 156 23.29 -48.88 15.48
CA VAL E 156 22.24 -49.81 15.87
C VAL E 156 22.79 -51.21 15.77
N SER E 157 22.88 -51.89 16.92
CA SER E 157 23.50 -53.20 16.94
C SER E 157 22.62 -54.23 16.24
N ALA E 158 23.21 -55.37 15.92
CA ALA E 158 22.49 -56.44 15.24
C ALA E 158 21.97 -57.45 16.26
N SER E 173 12.62 -45.48 -8.08
CA SER E 173 11.49 -45.64 -8.98
C SER E 173 11.51 -44.58 -10.08
N ALA E 174 10.63 -43.60 -9.97
CA ALA E 174 10.61 -42.46 -10.89
C ALA E 174 11.28 -41.24 -10.26
N ASP E 175 12.58 -41.37 -9.99
CA ASP E 175 13.34 -40.30 -9.37
C ASP E 175 14.71 -40.19 -10.02
N ILE E 176 15.25 -38.98 -10.01
CA ILE E 176 16.46 -38.68 -10.77
C ILE E 176 17.65 -39.40 -10.16
N VAL E 177 18.50 -39.95 -11.02
CA VAL E 177 19.70 -40.67 -10.59
C VAL E 177 20.92 -39.92 -11.11
N MET E 178 21.89 -39.73 -10.23
CA MET E 178 23.12 -39.00 -10.53
C MET E 178 24.28 -39.98 -10.44
N THR E 179 25.07 -40.07 -11.50
CA THR E 179 26.15 -41.06 -11.57
C THR E 179 27.50 -40.37 -11.64
N GLN E 180 28.39 -40.73 -10.71
CA GLN E 180 29.77 -40.32 -10.75
C GLN E 180 30.59 -41.31 -11.57
N ALA E 181 31.71 -40.83 -12.08
CA ALA E 181 32.59 -41.64 -12.91
C ALA E 181 33.52 -42.43 -12.00
N THR E 182 34.59 -42.98 -12.57
CA THR E 182 35.57 -43.74 -11.79
C THR E 182 35.98 -42.95 -10.55
N SER E 183 35.88 -43.60 -9.39
CA SER E 183 36.00 -42.92 -8.11
C SER E 183 37.42 -42.90 -7.58
N SER E 184 38.39 -42.50 -8.40
CA SER E 184 39.75 -42.32 -7.94
C SER E 184 40.59 -41.59 -8.98
N VAL E 185 41.28 -40.52 -8.57
CA VAL E 185 42.16 -39.78 -9.46
C VAL E 185 43.44 -39.40 -8.74
N PRO E 186 44.60 -39.96 -9.09
CA PRO E 186 45.85 -39.54 -8.47
C PRO E 186 46.35 -38.23 -9.05
N VAL E 187 46.87 -37.37 -8.17
CA VAL E 187 47.22 -36.01 -8.56
C VAL E 187 48.47 -35.57 -7.82
N THR E 188 49.24 -34.67 -8.45
CA THR E 188 50.38 -34.02 -7.85
C THR E 188 50.15 -32.53 -7.73
N PRO E 189 50.62 -31.89 -6.66
CA PRO E 189 50.29 -30.48 -6.43
C PRO E 189 50.75 -29.59 -7.58
N GLY E 190 49.94 -28.57 -7.84
CA GLY E 190 50.22 -27.63 -8.89
C GLY E 190 49.62 -27.97 -10.23
N GLU E 191 49.08 -29.18 -10.40
CA GLU E 191 48.49 -29.57 -11.66
C GLU E 191 47.04 -29.09 -11.70
N SER E 192 46.27 -29.58 -12.66
CA SER E 192 44.86 -29.24 -12.76
C SER E 192 44.04 -30.52 -12.95
N VAL E 193 42.84 -30.55 -12.37
CA VAL E 193 41.98 -31.73 -12.37
C VAL E 193 40.58 -31.35 -12.82
N SER E 194 39.82 -32.35 -13.28
CA SER E 194 38.57 -32.10 -13.99
C SER E 194 37.48 -33.09 -13.58
N ILE E 195 37.19 -33.21 -12.28
CA ILE E 195 36.11 -34.08 -11.81
C ILE E 195 34.84 -33.87 -12.63
N SER E 196 34.13 -34.96 -12.93
CA SER E 196 32.98 -34.94 -13.82
C SER E 196 31.76 -35.54 -13.15
N CYS E 197 30.62 -35.46 -13.83
CA CYS E 197 29.34 -35.90 -13.29
C CYS E 197 28.37 -36.12 -14.43
N ARG E 198 27.27 -36.80 -14.13
CA ARG E 198 26.25 -37.11 -15.14
C ARG E 198 24.89 -37.22 -14.49
N SER E 199 23.85 -37.15 -15.32
CA SER E 199 22.47 -37.16 -14.86
C SER E 199 21.59 -37.98 -15.81
N SER E 200 20.35 -38.22 -15.39
CA SER E 200 19.39 -38.95 -16.22
C SER E 200 18.38 -38.02 -16.88
N LYS E 201 17.64 -37.25 -16.09
CA LYS E 201 16.73 -36.25 -16.62
C LYS E 201 17.40 -34.90 -16.61
N SER E 202 17.10 -34.07 -17.61
CA SER E 202 17.73 -32.76 -17.70
C SER E 202 17.30 -31.88 -16.54
N LEU E 203 18.28 -31.27 -15.88
CA LEU E 203 18.05 -30.44 -14.71
C LEU E 203 17.72 -29.00 -15.05
N LEU E 204 17.89 -28.59 -16.30
CA LEU E 204 17.53 -27.25 -16.71
C LEU E 204 16.03 -27.06 -16.68
N HIS E 205 15.60 -25.89 -16.23
CA HIS E 205 14.19 -25.57 -16.11
C HIS E 205 13.83 -24.45 -17.07
N SER E 206 12.53 -24.25 -17.27
CA SER E 206 12.09 -23.17 -18.15
C SER E 206 12.43 -21.79 -17.59
N ASN E 207 12.76 -21.69 -16.31
CA ASN E 207 13.22 -20.43 -15.76
C ASN E 207 14.51 -19.97 -16.42
N GLY E 208 15.36 -20.91 -16.80
CA GLY E 208 16.73 -20.60 -17.15
C GLY E 208 17.73 -20.96 -16.08
N ASN E 209 17.27 -21.52 -14.96
CA ASN E 209 18.12 -21.98 -13.88
C ASN E 209 18.48 -23.44 -14.07
N THR E 210 19.69 -23.81 -13.68
CA THR E 210 20.10 -25.20 -13.61
C THR E 210 20.47 -25.52 -12.17
N TYR E 211 19.80 -26.51 -11.61
CA TYR E 211 19.94 -26.84 -10.19
C TYR E 211 20.91 -28.00 -10.03
N LEU E 212 22.18 -27.68 -9.84
CA LEU E 212 23.21 -28.65 -9.51
C LEU E 212 24.13 -28.04 -8.46
N TYR E 213 24.54 -28.83 -7.48
CA TYR E 213 25.33 -28.33 -6.36
C TYR E 213 26.59 -29.16 -6.21
N TRP E 214 27.61 -28.58 -5.56
CA TRP E 214 28.89 -29.26 -5.34
C TRP E 214 29.34 -29.05 -3.90
N PHE E 215 29.88 -30.12 -3.30
CA PHE E 215 30.30 -30.09 -1.91
C PHE E 215 31.66 -30.78 -1.78
N LEU E 216 32.38 -30.42 -0.73
CA LEU E 216 33.71 -30.97 -0.47
C LEU E 216 33.80 -31.39 0.99
N GLN E 217 34.37 -32.57 1.24
CA GLN E 217 34.45 -33.13 2.59
C GLN E 217 35.89 -33.52 2.89
N ARG E 218 36.61 -32.65 3.61
CA ARG E 218 37.98 -32.93 3.97
C ARG E 218 38.02 -34.05 4.99
N PRO E 219 39.18 -34.71 5.15
CA PRO E 219 39.21 -35.91 6.00
C PRO E 219 38.67 -35.72 7.41
N GLY E 220 38.96 -34.57 8.04
CA GLY E 220 38.55 -34.39 9.41
C GLY E 220 37.06 -34.16 9.59
N GLN E 221 36.46 -33.34 8.75
CA GLN E 221 35.26 -32.62 9.16
C GLN E 221 34.04 -32.78 8.26
N SER E 222 33.05 -31.92 8.49
CA SER E 222 31.79 -31.89 7.78
C SER E 222 31.90 -31.14 6.46
N PRO E 223 30.99 -31.40 5.52
CA PRO E 223 31.11 -30.83 4.18
C PRO E 223 31.03 -29.32 4.13
N GLN E 224 31.50 -28.77 3.02
CA GLN E 224 31.51 -27.34 2.75
C GLN E 224 30.91 -27.10 1.37
N LEU E 225 30.23 -25.96 1.20
CA LEU E 225 29.66 -25.63 -0.09
C LEU E 225 30.70 -24.95 -0.96
N LEU E 226 30.73 -25.33 -2.24
CA LEU E 226 31.63 -24.73 -3.20
C LEU E 226 30.92 -24.02 -4.34
N ILE E 227 30.01 -24.71 -5.02
CA ILE E 227 29.30 -24.17 -6.17
C ILE E 227 27.82 -24.40 -5.95
N TYR E 228 27.01 -23.36 -6.12
CA TYR E 228 25.57 -23.48 -5.99
C TYR E 228 24.91 -23.07 -7.28
N ARG E 229 24.02 -23.92 -7.78
CA ARG E 229 23.19 -23.65 -8.95
C ARG E 229 24.07 -23.53 -10.20
N MET E 230 25.07 -24.40 -10.30
CA MET E 230 25.87 -24.76 -11.46
C MET E 230 26.95 -23.76 -11.87
N SER E 231 26.94 -22.51 -11.38
CA SER E 231 27.96 -21.59 -11.86
C SER E 231 28.46 -20.58 -10.84
N ASN E 232 28.03 -20.63 -9.59
CA ASN E 232 28.32 -19.56 -8.64
C ASN E 232 29.22 -20.07 -7.54
N LEU E 233 30.27 -19.32 -7.25
CA LEU E 233 31.19 -19.70 -6.18
C LEU E 233 30.65 -19.19 -4.85
N ALA E 234 30.59 -20.08 -3.88
CA ALA E 234 30.00 -19.74 -2.59
C ALA E 234 30.91 -18.78 -1.84
N SER E 235 30.33 -18.10 -0.85
CA SER E 235 31.07 -17.07 -0.13
C SER E 235 32.17 -17.71 0.71
N GLY E 236 33.40 -17.27 0.50
CA GLY E 236 34.52 -17.79 1.23
C GLY E 236 35.39 -18.76 0.47
N VAL E 237 34.95 -19.24 -0.69
CA VAL E 237 35.74 -20.17 -1.48
C VAL E 237 36.77 -19.39 -2.28
N PRO E 238 37.98 -19.91 -2.44
CA PRO E 238 38.96 -19.22 -3.28
C PRO E 238 38.56 -19.23 -4.73
N ASP E 239 39.12 -18.30 -5.48
CA ASP E 239 38.78 -18.19 -6.90
C ASP E 239 39.36 -19.28 -7.73
N ARG E 240 40.01 -20.31 -7.17
CA ARG E 240 40.56 -21.38 -7.99
C ARG E 240 39.45 -22.27 -8.56
N PHE E 241 38.40 -22.50 -7.79
CA PHE E 241 37.35 -23.41 -8.21
C PHE E 241 36.46 -22.76 -9.27
N SER E 242 35.94 -23.58 -10.17
CA SER E 242 35.01 -23.14 -11.20
C SER E 242 34.27 -24.34 -11.75
N GLY E 243 33.03 -24.12 -12.18
CA GLY E 243 32.19 -25.22 -12.62
C GLY E 243 31.29 -24.81 -13.76
N SER E 244 30.93 -25.81 -14.57
CA SER E 244 30.12 -25.57 -15.76
C SER E 244 29.43 -26.87 -16.15
N GLY E 245 28.69 -26.82 -17.25
CA GLY E 245 27.96 -28.00 -17.69
C GLY E 245 27.09 -27.66 -18.88
N SER E 246 26.27 -28.63 -19.30
CA SER E 246 25.56 -28.47 -20.56
C SER E 246 24.14 -29.02 -20.56
N GLY E 247 23.49 -29.14 -19.42
CA GLY E 247 22.11 -29.59 -19.44
C GLY E 247 21.89 -31.00 -18.92
N THR E 248 22.79 -31.91 -19.24
CA THR E 248 22.75 -33.24 -18.64
C THR E 248 24.11 -33.67 -18.11
N ALA E 249 25.20 -33.28 -18.76
CA ALA E 249 26.54 -33.55 -18.27
C ALA E 249 27.13 -32.30 -17.63
N PHE E 250 27.91 -32.48 -16.58
CA PHE E 250 28.44 -31.36 -15.81
C PHE E 250 29.90 -31.62 -15.48
N THR E 251 30.58 -30.57 -15.03
CA THR E 251 32.01 -30.66 -14.75
C THR E 251 32.40 -29.61 -13.73
N LEU E 252 33.25 -30.00 -12.78
CA LEU E 252 33.89 -29.06 -11.86
C LEU E 252 35.39 -29.12 -12.11
N THR E 253 36.03 -27.96 -12.15
CA THR E 253 37.45 -27.89 -12.47
C THR E 253 38.20 -27.12 -11.40
N ILE E 254 39.40 -27.58 -11.08
CA ILE E 254 40.28 -26.94 -10.11
C ILE E 254 41.55 -26.50 -10.84
N SER E 255 41.94 -25.24 -10.64
CA SER E 255 42.98 -24.66 -11.47
C SER E 255 44.39 -25.08 -11.06
N ARG E 256 44.81 -24.72 -9.85
CA ARG E 256 46.15 -25.03 -9.36
C ARG E 256 46.04 -25.55 -7.93
N LEU E 257 46.11 -26.88 -7.76
CA LEU E 257 45.77 -27.49 -6.48
C LEU E 257 46.73 -27.04 -5.38
N GLU E 258 46.24 -27.12 -4.15
CA GLU E 258 47.02 -26.79 -2.98
C GLU E 258 46.93 -27.97 -2.03
N ALA E 259 47.66 -27.90 -0.92
CA ALA E 259 47.75 -29.03 -0.03
C ALA E 259 46.50 -29.26 0.79
N GLU E 260 45.54 -28.34 0.78
CA GLU E 260 44.34 -28.46 1.60
C GLU E 260 43.11 -28.75 0.76
N ASP E 261 43.27 -29.33 -0.42
CA ASP E 261 42.16 -29.57 -1.34
C ASP E 261 41.84 -31.03 -1.55
N VAL E 262 42.48 -31.92 -0.81
CA VAL E 262 42.24 -33.34 -1.00
C VAL E 262 41.01 -33.74 -0.21
N GLY E 263 40.21 -34.65 -0.78
CA GLY E 263 39.00 -35.08 -0.10
C GLY E 263 38.09 -35.83 -1.05
N VAL E 264 36.80 -35.78 -0.76
CA VAL E 264 35.77 -36.42 -1.57
C VAL E 264 34.78 -35.37 -2.03
N TYR E 265 34.47 -35.37 -3.33
CA TYR E 265 33.60 -34.37 -3.94
C TYR E 265 32.24 -34.99 -4.23
N TYR E 266 31.18 -34.40 -3.69
CA TYR E 266 29.84 -34.90 -3.89
C TYR E 266 29.03 -33.93 -4.73
N CYS E 267 28.12 -34.46 -5.53
CA CYS E 267 27.19 -33.66 -6.31
C CYS E 267 25.79 -33.80 -5.74
N MET E 268 24.89 -32.96 -6.21
CA MET E 268 23.54 -32.95 -5.68
C MET E 268 22.61 -32.29 -6.68
N GLN E 269 21.35 -32.69 -6.67
CA GLN E 269 20.34 -32.05 -7.48
C GLN E 269 19.21 -31.56 -6.58
N HIS E 270 18.51 -30.52 -7.05
CA HIS E 270 17.47 -29.89 -6.27
C HIS E 270 16.25 -29.57 -7.12
N LEU E 271 16.03 -30.34 -8.19
CA LEU E 271 14.92 -30.02 -9.08
C LEU E 271 13.58 -30.41 -8.47
N GLU E 272 13.53 -31.54 -7.79
CA GLU E 272 12.30 -32.00 -7.17
C GLU E 272 12.63 -33.01 -6.09
N TYR E 273 11.82 -33.02 -5.05
CA TYR E 273 12.04 -33.94 -3.95
C TYR E 273 11.69 -35.36 -4.38
N PRO E 274 12.44 -36.37 -3.94
CA PRO E 274 13.60 -36.33 -3.05
C PRO E 274 14.86 -35.86 -3.74
N LEU E 275 15.86 -35.47 -2.95
CA LEU E 275 17.12 -34.97 -3.48
C LEU E 275 18.15 -36.08 -3.44
N THR E 276 18.69 -36.42 -4.60
CA THR E 276 19.62 -37.53 -4.75
C THR E 276 21.04 -37.00 -4.89
N PHE E 277 22.01 -37.79 -4.44
CA PHE E 277 23.37 -37.27 -4.27
C PHE E 277 24.38 -37.84 -5.26
N GLY E 278 24.61 -39.13 -5.28
CA GLY E 278 25.71 -39.63 -6.06
C GLY E 278 26.89 -40.07 -5.18
N ALA E 279 27.71 -40.95 -5.74
CA ALA E 279 28.71 -41.64 -4.92
C ALA E 279 29.87 -40.73 -4.53
N GLY E 280 30.38 -39.94 -5.47
CA GLY E 280 31.47 -39.04 -5.21
C GLY E 280 32.81 -39.62 -5.61
N THR E 281 33.80 -38.74 -5.75
CA THR E 281 35.14 -39.12 -6.18
C THR E 281 36.17 -38.64 -5.17
N LYS E 282 37.18 -39.46 -4.92
CA LYS E 282 38.23 -39.15 -3.97
C LYS E 282 39.50 -38.70 -4.69
N LEU E 283 40.29 -37.88 -4.02
CA LEU E 283 41.54 -37.37 -4.53
C LEU E 283 42.66 -37.67 -3.55
N GLU E 284 43.75 -38.23 -4.04
CA GLU E 284 44.87 -38.57 -3.18
C GLU E 284 46.20 -38.09 -3.77
#